data_1M8V
#
_entry.id   1M8V
#
_cell.length_a   68.000
_cell.length_b   68.000
_cell.length_c   84.800
_cell.angle_alpha   105.00
_cell.angle_beta   108.80
_cell.angle_gamma   100.00
#
_symmetry.space_group_name_H-M   'P 1'
#
loop_
_entity.id
_entity.type
_entity.pdbx_description
1 polymer "5'-R(P*UP*UP*UP*UP*UP*UP*U)-3'"
2 polymer 'PUTATIVE SNRNP SM-LIKE PROTEIN'
3 non-polymer 'CALCIUM ION'
4 non-polymer "URIDINE-5'-MONOPHOSPHATE"
5 water water
#
loop_
_entity_poly.entity_id
_entity_poly.type
_entity_poly.pdbx_seq_one_letter_code
_entity_poly.pdbx_strand_id
1 'polyribonucleotide' UUUUUUU O,P,Q,R,S,T,U
2 'polypeptide(L)' GAMAERPLDVIHRSLDKDVLVILKKGFEFRGRLIGYDIHLNVVLADAEMIQDGEVVKRYGKIVIRGDNVLAISPTEE A,B,C,D,E,F,G,H,I,J,K,L,M,N
#
# COMPACT_ATOMS: atom_id res chain seq x y z
N ALA H 4 26.48 -0.83 -9.95
CA ALA H 4 27.54 0.05 -9.43
C ALA H 4 26.94 1.26 -8.69
N GLU H 5 27.59 1.55 -7.52
CA GLU H 5 27.44 2.66 -6.48
C GLU H 5 26.20 3.59 -6.44
N ARG H 6 25.20 3.31 -5.54
CA ARG H 6 23.98 4.15 -5.42
C ARG H 6 23.86 5.11 -4.20
N PRO H 7 22.73 5.86 -4.14
CA PRO H 7 22.52 6.86 -3.04
C PRO H 7 22.85 6.35 -1.66
N LEU H 8 22.15 5.31 -1.24
CA LEU H 8 22.28 4.75 0.07
C LEU H 8 23.56 3.96 0.30
N ASP H 9 24.31 3.67 -0.76
CA ASP H 9 25.56 2.95 -0.57
C ASP H 9 26.61 3.92 -0.06
N VAL H 10 26.80 5.00 -0.81
CA VAL H 10 27.78 6.03 -0.44
C VAL H 10 27.50 6.49 0.99
N ILE H 11 26.23 6.74 1.28
CA ILE H 11 25.78 7.19 2.60
C ILE H 11 26.04 6.15 3.68
N HIS H 12 25.71 4.90 3.40
CA HIS H 12 25.89 3.85 4.36
C HIS H 12 27.41 3.75 4.66
N ARG H 13 28.20 3.71 3.58
CA ARG H 13 29.65 3.62 3.70
C ARG H 13 30.24 4.85 4.38
N SER H 14 29.52 5.97 4.32
CA SER H 14 30.01 7.19 4.94
C SER H 14 29.71 7.23 6.42
N LEU H 15 29.24 6.11 6.97
CA LEU H 15 28.93 6.10 8.40
C LEU H 15 30.17 6.36 9.25
N ASP H 16 29.98 7.20 10.27
CA ASP H 16 31.05 7.56 11.19
C ASP H 16 32.20 8.33 10.55
N LYS H 17 31.99 8.80 9.33
CA LYS H 17 32.99 9.60 8.64
C LYS H 17 32.38 10.99 8.52
N ASP H 18 33.20 11.98 8.19
CA ASP H 18 32.68 13.33 8.09
C ASP H 18 32.05 13.63 6.75
N VAL H 19 30.91 14.31 6.81
CA VAL H 19 30.16 14.64 5.60
C VAL H 19 29.71 16.09 5.57
N LEU H 20 29.21 16.50 4.41
CA LEU H 20 28.68 17.84 4.19
C LEU H 20 27.20 17.70 3.83
N VAL H 21 26.33 18.40 4.56
CA VAL H 21 24.89 18.35 4.28
C VAL H 21 24.45 19.72 3.78
N ILE H 22 24.23 19.83 2.48
CA ILE H 22 23.76 21.06 1.87
C ILE H 22 22.23 21.05 1.89
N LEU H 23 21.63 22.00 2.58
CA LEU H 23 20.18 22.08 2.66
C LEU H 23 19.59 22.91 1.53
N LYS H 24 18.28 22.81 1.36
CA LYS H 24 17.59 23.55 0.30
C LYS H 24 17.58 25.05 0.59
N LYS H 25 17.28 25.40 1.85
CA LYS H 25 17.22 26.80 2.27
C LYS H 25 18.36 27.61 1.67
N GLY H 26 19.57 27.36 2.16
CA GLY H 26 20.71 28.10 1.66
C GLY H 26 21.96 27.77 2.43
N PHE H 27 21.81 27.31 3.67
CA PHE H 27 22.98 26.96 4.46
C PHE H 27 23.26 25.46 4.45
N GLU H 28 24.40 25.08 5.00
CA GLU H 28 24.82 23.70 5.03
C GLU H 28 25.38 23.33 6.40
N PHE H 29 25.33 22.05 6.75
CA PHE H 29 25.86 21.58 8.02
C PHE H 29 27.07 20.73 7.73
N ARG H 30 27.94 20.55 8.72
CA ARG H 30 29.12 19.73 8.55
C ARG H 30 29.32 18.97 9.86
N GLY H 31 29.72 17.70 9.78
CA GLY H 31 29.91 16.89 10.97
C GLY H 31 30.16 15.41 10.71
N ARG H 32 30.03 14.61 11.76
CA ARG H 32 30.24 13.16 11.63
C ARG H 32 28.92 12.43 11.44
N LEU H 33 28.79 11.70 10.33
CA LEU H 33 27.58 10.96 10.03
C LEU H 33 27.50 9.75 10.93
N ILE H 34 26.50 9.74 11.81
CA ILE H 34 26.36 8.61 12.69
C ILE H 34 25.08 7.81 12.42
N GLY H 35 24.27 8.27 11.48
CA GLY H 35 23.05 7.57 11.18
C GLY H 35 22.17 8.21 10.13
N TYR H 36 21.23 7.44 9.61
CA TYR H 36 20.32 7.92 8.59
C TYR H 36 19.16 6.95 8.46
N ASP H 37 18.21 7.26 7.59
CA ASP H 37 17.11 6.36 7.35
C ASP H 37 16.63 6.46 5.91
N ILE H 38 15.71 5.58 5.55
CA ILE H 38 15.18 5.53 4.20
C ILE H 38 14.69 6.88 3.67
N HIS H 39 14.24 7.75 4.56
CA HIS H 39 13.75 9.07 4.20
C HIS H 39 14.91 10.01 3.92
N LEU H 40 16.12 9.50 4.16
CA LEU H 40 17.32 10.29 3.97
C LEU H 40 17.52 11.25 5.15
N ASN H 41 16.84 11.00 6.27
CA ASN H 41 17.04 11.81 7.48
C ASN H 41 18.46 11.42 7.87
N VAL H 42 19.21 12.33 8.47
CA VAL H 42 20.56 11.98 8.87
C VAL H 42 20.87 12.51 10.27
N VAL H 43 21.74 11.80 10.98
CA VAL H 43 22.14 12.22 12.31
C VAL H 43 23.62 12.52 12.22
N LEU H 44 23.99 13.72 12.68
CA LEU H 44 25.37 14.16 12.65
C LEU H 44 25.89 14.42 14.05
N ALA H 45 27.15 14.04 14.30
CA ALA H 45 27.78 14.25 15.60
C ALA H 45 28.84 15.32 15.44
N ASP H 46 28.94 16.19 16.45
CA ASP H 46 29.91 17.27 16.45
C ASP H 46 29.65 18.05 15.17
N ALA H 47 28.43 18.53 15.03
CA ALA H 47 28.04 19.25 13.85
C ALA H 47 28.15 20.76 13.98
N GLU H 48 28.40 21.41 12.84
CA GLU H 48 28.51 22.85 12.77
C GLU H 48 27.62 23.39 11.67
N MET H 49 26.89 24.44 11.98
CA MET H 49 26.02 25.06 11.00
C MET H 49 26.84 26.12 10.29
N ILE H 50 27.14 25.88 9.03
CA ILE H 50 27.93 26.80 8.23
C ILE H 50 27.03 27.66 7.36
N GLN H 51 27.35 28.96 7.33
CA GLN H 51 26.60 29.93 6.54
C GLN H 51 27.60 30.91 5.93
N ASP H 52 27.51 31.14 4.62
CA ASP H 52 28.42 32.07 3.96
C ASP H 52 29.86 31.70 4.26
N GLY H 53 30.09 30.42 4.52
CA GLY H 53 31.44 29.95 4.83
C GLY H 53 31.85 30.10 6.28
N GLU H 54 30.97 30.66 7.11
CA GLU H 54 31.27 30.87 8.53
C GLU H 54 30.50 29.96 9.47
N VAL H 55 31.21 29.31 10.39
CA VAL H 55 30.54 28.45 11.36
C VAL H 55 29.74 29.42 12.22
N VAL H 56 28.42 29.34 12.14
CA VAL H 56 27.59 30.23 12.94
C VAL H 56 26.97 29.50 14.13
N LYS H 57 27.06 28.17 14.15
CA LYS H 57 26.48 27.41 15.25
C LYS H 57 27.01 25.99 15.31
N ARG H 58 27.06 25.43 16.52
CA ARG H 58 27.52 24.05 16.72
C ARG H 58 26.55 23.26 17.57
N TYR H 59 26.49 21.94 17.32
CA TYR H 59 25.62 21.04 18.08
C TYR H 59 26.38 19.72 18.31
N GLY H 60 26.24 19.17 19.51
CA GLY H 60 26.92 17.93 19.79
C GLY H 60 26.36 16.81 18.94
N LYS H 61 25.04 16.85 18.75
CA LYS H 61 24.33 15.86 17.97
C LYS H 61 23.07 16.54 17.43
N ILE H 62 22.75 16.27 16.17
CA ILE H 62 21.57 16.87 15.57
C ILE H 62 20.93 15.93 14.56
N VAL H 63 19.59 15.89 14.56
CA VAL H 63 18.81 15.05 13.65
C VAL H 63 18.17 15.95 12.59
N ILE H 64 18.52 15.74 11.33
CA ILE H 64 18.02 16.56 10.22
C ILE H 64 17.00 15.87 9.29
N ARG H 65 15.81 16.46 9.17
CA ARG H 65 14.77 15.92 8.28
C ARG H 65 15.27 15.92 6.83
N GLY H 66 15.37 14.73 6.25
CA GLY H 66 15.83 14.59 4.88
C GLY H 66 15.14 15.41 3.81
N ASP H 67 13.92 15.88 4.06
CA ASP H 67 13.23 16.68 3.06
C ASP H 67 13.81 18.10 2.95
N ASN H 68 14.70 18.44 3.87
CA ASN H 68 15.36 19.74 3.88
C ASN H 68 16.70 19.59 3.15
N VAL H 69 17.09 18.36 2.89
CA VAL H 69 18.36 18.07 2.26
C VAL H 69 18.40 18.25 0.76
N LEU H 70 19.41 19.00 0.30
CA LEU H 70 19.63 19.23 -1.12
C LEU H 70 20.64 18.20 -1.59
N ALA H 71 21.63 17.93 -0.74
CA ALA H 71 22.67 16.97 -1.04
C ALA H 71 23.50 16.59 0.19
N ILE H 72 24.33 15.58 0.03
CA ILE H 72 25.20 15.12 1.08
C ILE H 72 26.48 14.65 0.39
N SER H 73 27.63 15.11 0.89
CA SER H 73 28.90 14.75 0.29
C SER H 73 29.86 14.26 1.37
N PRO H 74 30.62 13.20 1.08
CA PRO H 74 31.55 12.73 2.11
C PRO H 74 32.79 13.62 2.02
N THR H 75 33.45 13.87 3.15
CA THR H 75 34.63 14.72 3.15
C THR H 75 35.91 13.89 3.24
N GLU I 5 12.79 4.57 -24.88
CA GLU I 5 13.74 5.30 -24.00
C GLU I 5 13.04 6.03 -22.86
N ARG I 6 12.87 5.32 -21.75
CA ARG I 6 12.22 5.86 -20.57
C ARG I 6 13.24 6.53 -19.65
N PRO I 7 12.78 7.49 -18.85
CA PRO I 7 13.65 8.21 -17.92
C PRO I 7 14.71 7.35 -17.24
N LEU I 8 14.32 6.19 -16.72
CA LEU I 8 15.31 5.34 -16.06
C LEU I 8 16.19 4.58 -17.06
N ASP I 9 15.75 4.49 -18.32
CA ASP I 9 16.58 3.81 -19.29
C ASP I 9 17.74 4.74 -19.60
N VAL I 10 17.39 5.99 -19.92
CA VAL I 10 18.40 6.99 -20.22
C VAL I 10 19.33 7.18 -19.05
N ILE I 11 18.77 7.28 -17.84
CA ILE I 11 19.62 7.49 -16.69
C ILE I 11 20.58 6.32 -16.51
N HIS I 12 20.01 5.11 -16.37
CA HIS I 12 20.81 3.90 -16.17
C HIS I 12 21.92 3.73 -17.21
N ARG I 13 21.65 4.13 -18.45
CA ARG I 13 22.65 4.01 -19.52
C ARG I 13 23.72 5.08 -19.37
N SER I 14 23.39 6.15 -18.65
CA SER I 14 24.34 7.24 -18.46
C SER I 14 25.35 6.93 -17.36
N LEU I 15 25.27 5.74 -16.76
CA LEU I 15 26.20 5.37 -15.71
C LEU I 15 27.64 5.43 -16.22
N ASP I 16 28.52 6.00 -15.40
CA ASP I 16 29.95 6.14 -15.71
C ASP I 16 30.19 7.17 -16.81
N LYS I 17 29.13 7.91 -17.16
CA LYS I 17 29.24 8.93 -18.19
C LYS I 17 29.02 10.30 -17.56
N ASP I 18 29.38 11.36 -18.28
CA ASP I 18 29.18 12.71 -17.75
C ASP I 18 27.76 13.15 -18.00
N VAL I 19 27.14 13.75 -16.99
CA VAL I 19 25.78 14.24 -17.11
C VAL I 19 25.66 15.62 -16.47
N LEU I 20 24.56 16.30 -16.76
CA LEU I 20 24.29 17.61 -16.20
C LEU I 20 23.08 17.47 -15.31
N VAL I 21 23.18 17.94 -14.07
CA VAL I 21 22.06 17.84 -13.15
C VAL I 21 21.49 19.23 -12.91
N ILE I 22 20.44 19.57 -13.66
CA ILE I 22 19.80 20.87 -13.55
C ILE I 22 18.84 20.88 -12.36
N LEU I 23 19.22 21.59 -11.30
CA LEU I 23 18.40 21.68 -10.09
C LEU I 23 17.37 22.78 -10.22
N LYS I 24 16.25 22.63 -9.53
CA LYS I 24 15.20 23.63 -9.62
C LYS I 24 15.61 24.90 -8.84
N LYS I 25 16.63 24.76 -7.99
CA LYS I 25 17.10 25.86 -7.16
C LYS I 25 17.78 26.95 -7.99
N GLY I 26 18.09 26.66 -9.24
CA GLY I 26 18.73 27.65 -10.09
C GLY I 26 20.07 27.18 -10.64
N PHE I 27 20.93 26.66 -9.79
CA PHE I 27 22.22 26.19 -10.24
C PHE I 27 22.20 24.72 -10.67
N GLU I 28 23.31 24.26 -11.23
CA GLU I 28 23.42 22.90 -11.74
C GLU I 28 24.71 22.26 -11.29
N PHE I 29 24.75 20.93 -11.33
CA PHE I 29 25.92 20.17 -10.98
C PHE I 29 26.33 19.43 -12.23
N ARG I 30 27.63 19.27 -12.43
CA ARG I 30 28.15 18.56 -13.59
C ARG I 30 29.10 17.52 -13.01
N GLY I 31 28.99 16.28 -13.48
CA GLY I 31 29.87 15.25 -12.96
C GLY I 31 29.63 13.90 -13.60
N ARG I 32 30.29 12.89 -13.06
CA ARG I 32 30.18 11.53 -13.57
C ARG I 32 29.19 10.71 -12.75
N LEU I 33 28.14 10.25 -13.41
CA LEU I 33 27.08 9.46 -12.77
C LEU I 33 27.62 8.10 -12.35
N ILE I 34 27.49 7.79 -11.06
CA ILE I 34 27.96 6.50 -10.58
C ILE I 34 26.87 5.74 -9.83
N GLY I 35 25.68 6.33 -9.72
CA GLY I 35 24.59 5.67 -9.03
C GLY I 35 23.27 6.43 -9.04
N TYR I 36 22.18 5.77 -8.68
CA TYR I 36 20.89 6.45 -8.64
C TYR I 36 19.81 5.54 -8.04
N ASP I 37 18.57 6.02 -8.00
CA ASP I 37 17.46 5.24 -7.48
C ASP I 37 16.10 5.73 -7.98
N ILE I 38 15.04 4.98 -7.65
CA ILE I 38 13.70 5.33 -8.10
C ILE I 38 13.22 6.74 -7.80
N HIS I 39 13.78 7.35 -6.76
CA HIS I 39 13.38 8.71 -6.38
C HIS I 39 14.06 9.71 -7.28
N LEU I 40 14.98 9.21 -8.08
CA LEU I 40 15.78 10.02 -8.99
C LEU I 40 16.88 10.73 -8.20
N ASN I 41 17.28 10.14 -7.09
CA ASN I 41 18.36 10.68 -6.30
C ASN I 41 19.52 10.23 -7.20
N VAL I 42 20.56 11.04 -7.33
CA VAL I 42 21.68 10.65 -8.18
C VAL I 42 23.04 10.88 -7.53
N VAL I 43 24.02 10.05 -7.89
CA VAL I 43 25.36 10.17 -7.34
C VAL I 43 26.36 10.56 -8.43
N LEU I 44 27.14 11.61 -8.18
CA LEU I 44 28.15 12.06 -9.13
C LEU I 44 29.53 12.00 -8.51
N ALA I 45 30.53 11.77 -9.32
CA ALA I 45 31.93 11.76 -8.86
C ALA I 45 32.61 12.88 -9.65
N ASP I 46 33.62 13.51 -9.05
CA ASP I 46 34.33 14.59 -9.72
C ASP I 46 33.31 15.62 -10.16
N ALA I 47 32.42 15.99 -9.24
CA ALA I 47 31.36 16.94 -9.55
C ALA I 47 31.77 18.39 -9.30
N GLU I 48 31.07 19.31 -9.98
CA GLU I 48 31.32 20.74 -9.83
C GLU I 48 30.01 21.49 -9.76
N MET I 49 29.83 22.29 -8.72
CA MET I 49 28.61 23.08 -8.63
C MET I 49 28.83 24.25 -9.56
N ILE I 50 27.92 24.43 -10.51
CA ILE I 50 28.06 25.51 -11.47
C ILE I 50 26.96 26.55 -11.31
N GLN I 51 27.38 27.82 -11.28
CA GLN I 51 26.44 28.91 -11.16
C GLN I 51 26.76 29.95 -12.23
N ASP I 52 25.92 30.00 -13.25
CA ASP I 52 26.08 30.93 -14.38
C ASP I 52 27.29 30.58 -15.23
N GLY I 53 27.57 29.30 -15.36
CA GLY I 53 28.72 28.87 -16.14
C GLY I 53 29.98 28.97 -15.32
N GLU I 54 29.82 29.29 -14.04
CA GLU I 54 30.94 29.45 -13.11
C GLU I 54 31.13 28.28 -12.13
N VAL I 55 32.25 27.58 -12.24
CA VAL I 55 32.50 26.49 -11.31
C VAL I 55 32.80 27.13 -9.96
N VAL I 56 31.77 27.29 -9.14
CA VAL I 56 31.95 27.88 -7.82
C VAL I 56 32.22 26.85 -6.72
N LYS I 57 32.27 25.57 -7.09
CA LYS I 57 32.53 24.53 -6.09
C LYS I 57 32.79 23.13 -6.69
N ARG I 58 33.57 22.32 -5.98
CA ARG I 58 33.90 20.98 -6.45
C ARG I 58 33.75 19.93 -5.36
N TYR I 59 33.36 18.71 -5.76
CA TYR I 59 33.18 17.63 -4.81
C TYR I 59 33.72 16.32 -5.36
N GLY I 60 34.41 15.55 -4.52
CA GLY I 60 34.94 14.28 -4.96
C GLY I 60 33.77 13.39 -5.34
N LYS I 61 32.75 13.37 -4.48
CA LYS I 61 31.56 12.56 -4.71
C LYS I 61 30.39 13.25 -4.01
N ILE I 62 29.24 13.29 -4.67
CA ILE I 62 28.09 13.96 -4.09
C ILE I 62 26.78 13.23 -4.39
N VAL I 63 25.90 13.14 -3.39
CA VAL I 63 24.59 12.50 -3.52
C VAL I 63 23.54 13.62 -3.51
N ILE I 64 22.79 13.73 -4.60
CA ILE I 64 21.77 14.77 -4.73
C ILE I 64 20.34 14.25 -4.54
N ARG I 65 19.63 14.81 -3.56
CA ARG I 65 18.27 14.38 -3.30
C ARG I 65 17.43 14.70 -4.52
N GLY I 66 16.88 13.64 -5.10
CA GLY I 66 16.07 13.75 -6.31
C GLY I 66 14.89 14.68 -6.38
N ASP I 67 14.40 15.21 -5.27
CA ASP I 67 13.26 16.12 -5.33
C ASP I 67 13.68 17.58 -5.60
N ASN I 68 14.99 17.75 -5.78
CA ASN I 68 15.59 19.04 -6.05
C ASN I 68 15.93 19.09 -7.53
N VAL I 69 15.91 17.93 -8.16
CA VAL I 69 16.24 17.81 -9.58
C VAL I 69 15.16 18.35 -10.50
N LEU I 70 15.60 19.16 -11.46
CA LEU I 70 14.70 19.74 -12.44
C LEU I 70 14.79 18.83 -13.67
N ALA I 71 16.00 18.49 -14.05
CA ALA I 71 16.25 17.66 -15.20
C ALA I 71 17.67 17.14 -15.17
N ILE I 72 17.94 16.14 -16.00
CA ILE I 72 19.26 15.54 -16.10
C ILE I 72 19.54 15.32 -17.58
N SER I 73 20.71 15.76 -18.04
CA SER I 73 21.07 15.59 -19.44
C SER I 73 22.42 14.91 -19.55
N PRO I 74 22.53 13.87 -20.40
CA PRO I 74 23.80 13.16 -20.57
C PRO I 74 24.70 13.92 -21.54
N THR I 75 25.96 14.13 -21.15
CA THR I 75 26.91 14.86 -22.01
C THR I 75 27.09 14.20 -23.36
N GLU J 5 -8.97 10.08 -24.90
CA GLU J 5 -8.22 11.37 -24.74
C GLU J 5 -7.84 11.62 -23.28
N ARG J 6 -7.16 10.66 -22.67
CA ARG J 6 -6.72 10.81 -21.29
C ARG J 6 -5.26 11.26 -21.30
N PRO J 7 -4.83 11.98 -20.24
CA PRO J 7 -3.46 12.46 -20.11
C PRO J 7 -2.41 11.52 -20.69
N LEU J 8 -2.44 10.25 -20.26
CA LEU J 8 -1.47 9.29 -20.74
C LEU J 8 -1.74 8.82 -22.16
N ASP J 9 -2.98 8.98 -22.64
CA ASP J 9 -3.26 8.56 -24.01
C ASP J 9 -2.59 9.56 -24.94
N VAL J 10 -2.85 10.84 -24.69
CA VAL J 10 -2.28 11.91 -25.49
C VAL J 10 -0.75 11.86 -25.48
N ILE J 11 -0.19 11.86 -24.28
CA ILE J 11 1.24 11.82 -24.12
C ILE J 11 1.86 10.63 -24.84
N HIS J 12 1.24 9.46 -24.62
CA HIS J 12 1.69 8.23 -25.24
C HIS J 12 1.68 8.34 -26.72
N ARG J 13 0.53 8.72 -27.26
CA ARG J 13 0.54 8.80 -28.70
C ARG J 13 1.51 9.88 -29.22
N SER J 14 2.08 10.76 -28.36
CA SER J 14 3.03 11.81 -28.84
C SER J 14 4.48 11.29 -28.96
N LEU J 15 4.68 10.02 -28.63
CA LEU J 15 6.00 9.42 -28.73
C LEU J 15 6.62 9.69 -30.11
N ASP J 16 7.89 10.08 -30.11
CA ASP J 16 8.62 10.38 -31.34
C ASP J 16 8.10 11.57 -32.12
N LYS J 17 7.38 12.44 -31.41
CA LYS J 17 6.83 13.65 -32.00
C LYS J 17 7.25 14.87 -31.17
N ASP J 18 7.04 16.07 -31.70
CA ASP J 18 7.39 17.31 -31.01
C ASP J 18 6.36 17.75 -29.99
N VAL J 19 6.84 18.06 -28.80
CA VAL J 19 5.94 18.50 -27.75
C VAL J 19 6.43 19.80 -27.14
N LEU J 20 5.59 20.39 -26.31
CA LEU J 20 5.91 21.63 -25.64
C LEU J 20 5.75 21.42 -24.15
N VAL J 21 6.87 21.35 -23.45
CA VAL J 21 6.83 21.14 -22.00
C VAL J 21 6.93 22.47 -21.27
N ILE J 22 5.87 22.82 -20.56
CA ILE J 22 5.81 24.05 -19.79
C ILE J 22 6.08 23.74 -18.32
N LEU J 23 7.11 24.36 -17.76
CA LEU J 23 7.47 24.13 -16.36
C LEU J 23 6.81 25.15 -15.46
N LYS J 24 6.50 24.78 -14.23
CA LYS J 24 5.86 25.74 -13.35
C LYS J 24 6.78 26.90 -12.99
N LYS J 25 8.08 26.65 -13.03
CA LYS J 25 9.07 27.66 -12.70
C LYS J 25 8.86 28.93 -13.53
N GLY J 26 9.17 28.84 -14.81
CA GLY J 26 9.01 29.98 -15.69
C GLY J 26 9.19 29.63 -17.15
N PHE J 27 10.30 28.98 -17.47
CA PHE J 27 10.59 28.61 -18.85
C PHE J 27 9.86 27.37 -19.37
N GLU J 28 10.31 26.90 -20.52
CA GLU J 28 9.70 25.75 -21.19
C GLU J 28 10.69 25.04 -22.06
N PHE J 29 10.38 23.80 -22.43
CA PHE J 29 11.25 23.03 -23.29
C PHE J 29 10.50 22.64 -24.55
N ARG J 30 11.21 22.60 -25.63
CA ARG J 30 10.66 22.18 -26.91
C ARG J 30 11.55 21.07 -27.40
N GLY J 31 10.93 20.02 -27.91
CA GLY J 31 11.70 18.87 -28.41
C GLY J 31 10.86 17.64 -28.72
N ARG J 32 11.50 16.64 -29.30
CA ARG J 32 10.85 15.38 -29.66
C ARG J 32 10.78 14.45 -28.48
N LEU J 33 9.56 14.09 -28.07
CA LEU J 33 9.33 13.19 -26.95
C LEU J 33 9.72 11.78 -27.31
N ILE J 34 10.66 11.22 -26.56
CA ILE J 34 11.11 9.86 -26.83
C ILE J 34 10.83 8.90 -25.66
N GLY J 35 10.26 9.42 -24.57
CA GLY J 35 9.97 8.59 -23.42
C GLY J 35 9.25 9.33 -22.31
N TYR J 36 8.76 8.57 -21.32
CA TYR J 36 8.05 9.14 -20.19
C TYR J 36 7.74 8.04 -19.17
N ASP J 37 7.13 8.42 -18.06
CA ASP J 37 6.74 7.43 -17.08
C ASP J 37 5.49 7.85 -16.32
N ILE J 38 4.93 6.95 -15.52
CA ILE J 38 3.70 7.26 -14.82
C ILE J 38 3.76 8.48 -13.90
N HIS J 39 4.98 8.96 -13.59
CA HIS J 39 5.15 10.13 -12.73
C HIS J 39 5.10 11.39 -13.57
N LEU J 40 4.98 11.19 -14.87
CA LEU J 40 4.93 12.27 -15.84
C LEU J 40 6.34 12.80 -16.15
N ASN J 41 7.36 12.08 -15.68
CA ASN J 41 8.73 12.45 -16.00
C ASN J 41 8.70 12.29 -17.50
N VAL J 42 9.57 13.00 -18.23
CA VAL J 42 9.58 12.89 -19.67
C VAL J 42 10.98 13.02 -20.22
N VAL J 43 11.26 12.28 -21.29
CA VAL J 43 12.57 12.36 -21.93
C VAL J 43 12.39 13.02 -23.28
N LEU J 44 13.23 14.03 -23.55
CA LEU J 44 13.17 14.75 -24.82
C LEU J 44 14.48 14.67 -25.58
N ALA J 45 14.38 14.61 -26.90
CA ALA J 45 15.56 14.57 -27.75
C ALA J 45 15.60 15.87 -28.55
N ASP J 46 16.80 16.35 -28.82
CA ASP J 46 16.95 17.60 -29.57
C ASP J 46 16.07 18.61 -28.87
N ALA J 47 16.34 18.82 -27.59
CA ALA J 47 15.54 19.75 -26.82
C ALA J 47 16.18 21.14 -26.75
N GLU J 48 15.33 22.15 -26.66
CA GLU J 48 15.76 23.52 -26.55
C GLU J 48 15.05 24.25 -25.42
N MET J 49 15.81 24.74 -24.45
CA MET J 49 15.24 25.48 -23.33
C MET J 49 14.78 26.82 -23.88
N ILE J 50 13.62 27.28 -23.44
CA ILE J 50 13.10 28.56 -23.95
C ILE J 50 12.70 29.55 -22.86
N GLN J 51 13.25 30.76 -22.93
CA GLN J 51 12.93 31.80 -21.97
C GLN J 51 12.49 33.06 -22.70
N ASP J 52 11.21 33.40 -22.57
CA ASP J 52 10.67 34.58 -23.20
C ASP J 52 10.78 34.56 -24.71
N GLY J 53 10.37 33.45 -25.31
CA GLY J 53 10.39 33.32 -26.77
C GLY J 53 11.72 33.06 -27.44
N GLU J 54 12.78 32.80 -26.66
CA GLU J 54 14.07 32.55 -27.28
C GLU J 54 14.83 31.37 -26.68
N VAL J 55 15.38 30.56 -27.56
CA VAL J 55 16.16 29.41 -27.15
C VAL J 55 17.38 29.91 -26.37
N VAL J 56 17.56 29.40 -25.15
CA VAL J 56 18.69 29.82 -24.33
C VAL J 56 19.64 28.67 -24.10
N LYS J 57 19.24 27.47 -24.53
CA LYS J 57 20.07 26.29 -24.39
C LYS J 57 19.51 25.10 -25.15
N ARG J 58 20.41 24.21 -25.56
CA ARG J 58 20.03 23.04 -26.33
C ARG J 58 20.62 21.76 -25.76
N TYR J 59 19.79 20.72 -25.65
CA TYR J 59 20.25 19.44 -25.14
C TYR J 59 19.97 18.34 -26.14
N GLY J 60 20.98 17.51 -26.40
CA GLY J 60 20.80 16.40 -27.33
C GLY J 60 19.71 15.48 -26.80
N LYS J 61 19.70 15.33 -25.48
CA LYS J 61 18.72 14.50 -24.81
C LYS J 61 18.63 14.98 -23.36
N ILE J 62 17.41 15.01 -22.81
CA ILE J 62 17.25 15.48 -21.45
C ILE J 62 16.07 14.81 -20.73
N VAL J 63 16.29 14.40 -19.48
CA VAL J 63 15.26 13.79 -18.66
C VAL J 63 14.76 14.87 -17.70
N ILE J 64 13.45 15.16 -17.75
CA ILE J 64 12.83 16.18 -16.90
C ILE J 64 11.90 15.52 -15.87
N ARG J 65 12.14 15.77 -14.59
CA ARG J 65 11.28 15.22 -13.54
C ARG J 65 9.89 15.78 -13.66
N GLY J 66 8.91 14.89 -13.90
CA GLY J 66 7.52 15.30 -14.06
C GLY J 66 7.02 16.24 -12.98
N ASP J 67 7.70 16.23 -11.84
CA ASP J 67 7.37 17.06 -10.69
C ASP J 67 7.44 18.56 -10.92
N ASN J 68 8.14 18.97 -11.98
CA ASN J 68 8.31 20.38 -12.33
C ASN J 68 7.47 20.77 -13.53
N VAL J 69 6.58 19.87 -13.93
CA VAL J 69 5.76 20.11 -15.11
C VAL J 69 4.40 20.74 -14.86
N LEU J 70 4.11 21.76 -15.66
CA LEU J 70 2.83 22.44 -15.55
C LEU J 70 1.90 21.79 -16.56
N ALA J 71 2.43 21.58 -17.76
CA ALA J 71 1.65 21.01 -18.81
C ALA J 71 2.56 20.59 -19.93
N ILE J 72 2.02 19.78 -20.83
CA ILE J 72 2.75 19.32 -21.98
C ILE J 72 1.78 19.47 -23.14
N SER J 73 2.28 19.94 -24.27
CA SER J 73 1.43 20.14 -25.42
C SER J 73 2.02 19.53 -26.68
N PRO J 74 1.25 18.68 -27.36
CA PRO J 74 1.77 18.08 -28.60
C PRO J 74 1.64 19.22 -29.60
N THR J 75 2.74 19.61 -30.21
CA THR J 75 2.69 20.70 -31.16
C THR J 75 2.25 20.18 -32.53
N GLU K 5 -23.32 15.27 -5.77
CA GLU K 5 -22.33 15.51 -6.87
C GLU K 5 -20.91 15.64 -6.32
N ARG K 6 -20.15 14.57 -6.41
CA ARG K 6 -18.78 14.56 -5.94
C ARG K 6 -17.85 15.15 -7.00
N PRO K 7 -16.68 15.65 -6.57
CA PRO K 7 -15.66 16.25 -7.44
C PRO K 7 -15.51 15.60 -8.80
N LEU K 8 -15.32 14.29 -8.82
CA LEU K 8 -15.13 13.60 -10.09
C LEU K 8 -16.42 13.34 -10.87
N ASP K 9 -17.57 13.52 -10.23
CA ASP K 9 -18.82 13.33 -10.95
C ASP K 9 -18.94 14.52 -11.86
N VAL K 10 -18.68 15.70 -11.30
CA VAL K 10 -18.77 16.93 -12.07
C VAL K 10 -17.76 16.94 -13.21
N ILE K 11 -16.53 16.55 -12.91
CA ILE K 11 -15.52 16.55 -13.95
C ILE K 11 -15.90 15.60 -15.09
N HIS K 12 -16.34 14.37 -14.71
CA HIS K 12 -16.74 13.34 -15.68
C HIS K 12 -17.90 13.77 -16.57
N ARG K 13 -18.79 14.61 -16.05
CA ARG K 13 -19.95 15.10 -16.81
C ARG K 13 -19.56 16.28 -17.68
N SER K 14 -18.33 16.77 -17.50
CA SER K 14 -17.85 17.91 -18.27
C SER K 14 -17.07 17.47 -19.50
N LEU K 15 -16.92 16.17 -19.70
CA LEU K 15 -16.20 15.70 -20.88
C LEU K 15 -16.88 16.32 -22.09
N ASP K 16 -16.06 16.85 -22.99
CA ASP K 16 -16.51 17.52 -24.21
C ASP K 16 -17.28 18.81 -24.02
N LYS K 17 -17.20 19.36 -22.82
CA LYS K 17 -17.84 20.62 -22.51
C LYS K 17 -16.73 21.63 -22.30
N ASP K 18 -17.07 22.90 -22.32
CA ASP K 18 -16.08 23.94 -22.10
C ASP K 18 -15.90 24.10 -20.60
N VAL K 19 -14.64 24.15 -20.16
CA VAL K 19 -14.33 24.30 -18.75
C VAL K 19 -13.26 25.34 -18.52
N LEU K 20 -13.20 25.83 -17.29
CA LEU K 20 -12.20 26.80 -16.91
C LEU K 20 -11.27 26.10 -15.93
N VAL K 21 -9.97 26.16 -16.19
CA VAL K 21 -9.02 25.57 -15.28
C VAL K 21 -8.22 26.71 -14.63
N ILE K 22 -8.52 26.98 -13.36
CA ILE K 22 -7.85 28.04 -12.62
C ILE K 22 -6.61 27.51 -11.92
N LEU K 23 -5.43 27.78 -12.49
CA LEU K 23 -4.17 27.31 -11.92
C LEU K 23 -3.79 27.99 -10.61
N LYS K 24 -2.80 27.42 -9.92
CA LYS K 24 -2.34 27.99 -8.67
C LYS K 24 -1.63 29.32 -8.89
N LYS K 25 -0.52 29.27 -9.64
CA LYS K 25 0.28 30.46 -9.94
C LYS K 25 -0.57 31.70 -9.96
N GLY K 26 -1.08 32.06 -11.14
CA GLY K 26 -1.90 33.25 -11.24
C GLY K 26 -2.80 33.24 -12.46
N PHE K 27 -2.52 32.34 -13.40
CA PHE K 27 -3.31 32.26 -14.61
C PHE K 27 -4.16 31.01 -14.73
N GLU K 28 -4.85 30.88 -15.85
CA GLU K 28 -5.75 29.75 -16.08
C GLU K 28 -5.86 29.37 -17.55
N PHE K 29 -6.38 28.18 -17.82
CA PHE K 29 -6.57 27.74 -19.20
C PHE K 29 -8.06 27.53 -19.42
N ARG K 30 -8.55 27.97 -20.57
CA ARG K 30 -9.96 27.80 -20.91
C ARG K 30 -9.96 26.86 -22.10
N GLY K 31 -10.95 25.98 -22.18
CA GLY K 31 -11.01 25.04 -23.28
C GLY K 31 -11.96 23.89 -23.10
N ARG K 32 -11.98 23.00 -24.09
CA ARG K 32 -12.86 21.84 -24.09
C ARG K 32 -12.20 20.62 -23.44
N LEU K 33 -12.73 20.20 -22.29
CA LEU K 33 -12.21 19.04 -21.59
C LEU K 33 -12.42 17.75 -22.37
N ILE K 34 -11.35 17.10 -22.77
CA ILE K 34 -11.48 15.85 -23.51
C ILE K 34 -10.86 14.65 -22.77
N GLY K 35 -10.46 14.86 -21.51
CA GLY K 35 -9.84 13.77 -20.77
C GLY K 35 -9.43 14.13 -19.36
N TYR K 36 -9.08 13.12 -18.57
CA TYR K 36 -8.67 13.35 -17.19
C TYR K 36 -8.30 12.04 -16.49
N ASP K 37 -7.85 12.15 -15.24
CA ASP K 37 -7.50 11.00 -14.43
C ASP K 37 -7.66 11.28 -12.94
N ILE K 38 -7.24 10.34 -12.09
CA ILE K 38 -7.35 10.47 -10.64
C ILE K 38 -6.61 11.65 -10.03
N HIS K 39 -5.44 11.97 -10.58
CA HIS K 39 -4.59 13.05 -10.09
C HIS K 39 -5.13 14.42 -10.44
N LEU K 40 -6.19 14.42 -11.24
CA LEU K 40 -6.82 15.63 -11.71
C LEU K 40 -6.04 16.22 -12.87
N ASN K 41 -5.21 15.41 -13.51
CA ASN K 41 -4.49 15.87 -14.69
C ASN K 41 -5.65 16.02 -15.68
N VAL K 42 -5.72 17.13 -16.42
CA VAL K 42 -6.80 17.27 -17.39
C VAL K 42 -6.26 17.47 -18.78
N VAL K 43 -7.07 17.17 -19.79
CA VAL K 43 -6.66 17.36 -21.18
C VAL K 43 -7.66 18.28 -21.85
N LEU K 44 -7.17 19.38 -22.42
CA LEU K 44 -8.05 20.35 -23.07
C LEU K 44 -7.71 20.46 -24.54
N ALA K 45 -8.72 20.66 -25.38
CA ALA K 45 -8.54 20.81 -26.81
C ALA K 45 -8.98 22.22 -27.17
N ASP K 46 -8.37 22.82 -28.19
CA ASP K 46 -8.74 24.18 -28.60
C ASP K 46 -8.65 25.06 -27.36
N ALA K 47 -7.51 24.98 -26.68
CA ALA K 47 -7.30 25.70 -25.45
C ALA K 47 -6.54 27.01 -25.59
N GLU K 48 -6.71 27.88 -24.59
CA GLU K 48 -6.03 29.16 -24.56
C GLU K 48 -5.58 29.54 -23.14
N MET K 49 -4.35 30.02 -23.02
CA MET K 49 -3.85 30.45 -21.72
C MET K 49 -4.38 31.84 -21.49
N ILE K 50 -4.88 32.10 -20.28
CA ILE K 50 -5.43 33.39 -19.96
C ILE K 50 -4.72 34.05 -18.79
N GLN K 51 -4.01 35.13 -19.08
CA GLN K 51 -3.30 35.87 -18.05
C GLN K 51 -4.01 37.20 -17.84
N ASP K 52 -4.61 37.34 -16.65
CA ASP K 52 -5.32 38.55 -16.31
C ASP K 52 -6.41 38.92 -17.32
N GLY K 53 -7.31 37.97 -17.57
CA GLY K 53 -8.41 38.20 -18.49
C GLY K 53 -8.08 38.32 -19.96
N GLU K 54 -6.89 37.89 -20.36
CA GLU K 54 -6.49 37.97 -21.75
C GLU K 54 -5.80 36.72 -22.27
N VAL K 55 -6.19 36.32 -23.48
CA VAL K 55 -5.60 35.16 -24.11
C VAL K 55 -4.18 35.51 -24.51
N VAL K 56 -3.21 34.87 -23.89
CA VAL K 56 -1.83 35.11 -24.22
C VAL K 56 -1.28 33.94 -25.04
N LYS K 57 -2.08 32.88 -25.18
CA LYS K 57 -1.65 31.72 -25.92
C LYS K 57 -2.79 30.79 -26.33
N ARG K 58 -2.50 29.88 -27.26
CA ARG K 58 -3.49 28.92 -27.73
C ARG K 58 -2.88 27.55 -28.03
N TYR K 59 -3.54 26.50 -27.56
CA TYR K 59 -3.04 25.14 -27.80
C TYR K 59 -4.16 24.26 -28.33
N GLY K 60 -3.90 23.58 -29.44
CA GLY K 60 -4.89 22.69 -30.01
C GLY K 60 -5.23 21.62 -28.99
N LYS K 61 -4.22 21.21 -28.22
CA LYS K 61 -4.39 20.19 -27.19
C LYS K 61 -3.31 20.34 -26.12
N ILE K 62 -3.67 20.14 -24.86
CA ILE K 62 -2.70 20.28 -23.79
C ILE K 62 -3.05 19.46 -22.54
N VAL K 63 -2.05 18.73 -22.03
CA VAL K 63 -2.25 17.94 -20.83
C VAL K 63 -1.67 18.74 -19.66
N ILE K 64 -2.55 19.20 -18.79
CA ILE K 64 -2.15 19.96 -17.62
C ILE K 64 -2.03 19.02 -16.42
N ARG K 65 -0.89 19.06 -15.74
CA ARG K 65 -0.66 18.24 -14.57
C ARG K 65 -1.58 18.69 -13.45
N GLY K 66 -2.44 17.78 -12.99
CA GLY K 66 -3.40 18.09 -11.94
C GLY K 66 -2.90 18.85 -10.72
N ASP K 67 -1.64 18.62 -10.40
CA ASP K 67 -0.98 19.24 -9.27
C ASP K 67 -0.95 20.78 -9.29
N ASN K 68 -1.04 21.37 -10.47
CA ASN K 68 -1.00 22.83 -10.64
C ASN K 68 -2.36 23.49 -10.62
N VAL K 69 -3.40 22.68 -10.43
CA VAL K 69 -4.78 23.14 -10.48
C VAL K 69 -5.34 23.63 -9.17
N LEU K 70 -6.04 24.76 -9.24
CA LEU K 70 -6.66 25.35 -8.06
C LEU K 70 -8.14 25.02 -8.12
N ALA K 71 -8.69 25.05 -9.33
CA ALA K 71 -10.10 24.76 -9.50
C ALA K 71 -10.45 24.49 -10.97
N ILE K 72 -11.56 23.81 -11.19
CA ILE K 72 -12.03 23.54 -12.53
C ILE K 72 -13.50 23.90 -12.48
N SER K 73 -13.95 24.69 -13.44
CA SER K 73 -15.33 25.12 -13.47
C SER K 73 -15.97 24.94 -14.83
N PRO K 74 -17.02 24.11 -14.90
CA PRO K 74 -17.72 23.86 -16.15
C PRO K 74 -18.37 25.18 -16.53
N THR K 75 -18.23 25.58 -17.78
CA THR K 75 -18.82 26.83 -18.24
C THR K 75 -20.12 26.57 -19.00
N GLU L 5 -18.03 15.14 15.60
CA GLU L 5 -17.66 16.49 15.07
C GLU L 5 -16.28 16.43 14.41
N ARG L 6 -16.02 15.35 13.69
CA ARG L 6 -14.78 15.19 12.97
C ARG L 6 -14.87 16.03 11.69
N PRO L 7 -13.72 16.35 11.09
CA PRO L 7 -13.67 17.14 9.84
C PRO L 7 -14.68 16.69 8.77
N LEU L 8 -14.58 15.43 8.36
CA LEU L 8 -15.49 14.92 7.34
C LEU L 8 -16.93 14.84 7.81
N ASP L 9 -17.14 14.74 9.12
CA ASP L 9 -18.51 14.71 9.62
C ASP L 9 -19.11 16.10 9.37
N VAL L 10 -18.36 17.15 9.72
CA VAL L 10 -18.85 18.52 9.54
C VAL L 10 -19.04 18.84 8.07
N ILE L 11 -18.06 18.43 7.27
CA ILE L 11 -18.15 18.61 5.85
C ILE L 11 -19.37 17.84 5.26
N HIS L 12 -19.56 16.59 5.61
CA HIS L 12 -20.63 15.80 5.07
C HIS L 12 -22.01 16.41 5.32
N ARG L 13 -22.06 16.92 6.54
CA ARG L 13 -23.11 17.63 7.25
C ARG L 13 -23.55 18.93 6.59
N SER L 14 -22.60 19.49 5.86
CA SER L 14 -22.78 20.72 5.17
C SER L 14 -23.21 20.53 3.72
N LEU L 15 -23.43 19.28 3.31
CA LEU L 15 -23.88 19.04 1.96
C LEU L 15 -25.18 19.82 1.73
N ASP L 16 -25.22 20.55 0.63
CA ASP L 16 -26.35 21.38 0.25
C ASP L 16 -26.51 22.63 1.12
N LYS L 17 -25.50 22.93 1.93
CA LYS L 17 -25.54 24.11 2.80
C LYS L 17 -24.49 25.15 2.37
N ASP L 18 -24.66 26.40 2.77
CA ASP L 18 -23.74 27.46 2.39
C ASP L 18 -22.42 27.44 3.15
N VAL L 19 -21.32 27.46 2.41
CA VAL L 19 -20.01 27.43 3.05
C VAL L 19 -19.02 28.48 2.52
N LEU L 20 -17.91 28.64 3.23
CA LEU L 20 -16.85 29.56 2.88
C LEU L 20 -15.55 28.76 2.79
N VAL L 21 -14.95 28.72 1.60
CA VAL L 21 -13.69 28.01 1.45
C VAL L 21 -12.51 28.99 1.47
N ILE L 22 -11.71 28.91 2.52
CA ILE L 22 -10.55 29.77 2.65
C ILE L 22 -9.35 29.10 1.99
N LEU L 23 -8.92 29.62 0.84
CA LEU L 23 -7.75 29.04 0.16
C LEU L 23 -6.51 29.67 0.76
N LYS L 24 -5.39 28.96 0.66
CA LYS L 24 -4.13 29.44 1.22
C LYS L 24 -3.55 30.71 0.57
N LYS L 25 -3.92 30.99 -0.67
CA LYS L 25 -3.40 32.16 -1.38
C LYS L 25 -4.14 33.49 -1.20
N GLY L 26 -4.81 33.67 -0.07
CA GLY L 26 -5.47 34.93 0.17
C GLY L 26 -6.96 35.05 -0.09
N PHE L 27 -7.44 34.49 -1.22
CA PHE L 27 -8.87 34.64 -1.49
C PHE L 27 -9.72 33.50 -0.97
N GLU L 28 -11.03 33.73 -0.95
CA GLU L 28 -11.99 32.75 -0.44
C GLU L 28 -13.06 32.44 -1.49
N PHE L 29 -13.81 31.37 -1.24
CA PHE L 29 -14.90 31.01 -2.14
C PHE L 29 -16.14 30.87 -1.32
N ARG L 30 -17.21 31.51 -1.76
CA ARG L 30 -18.48 31.45 -1.08
C ARG L 30 -19.40 30.69 -2.04
N GLY L 31 -20.27 29.85 -1.50
CA GLY L 31 -21.17 29.08 -2.34
C GLY L 31 -21.84 27.95 -1.55
N ARG L 32 -22.69 27.19 -2.23
CA ARG L 32 -23.40 26.10 -1.56
C ARG L 32 -22.63 24.79 -1.74
N LEU L 33 -22.31 24.12 -0.65
CA LEU L 33 -21.59 22.85 -0.77
C LEU L 33 -22.52 21.81 -1.38
N ILE L 34 -22.07 21.14 -2.43
CA ILE L 34 -22.90 20.11 -3.04
C ILE L 34 -22.17 18.79 -3.28
N GLY L 35 -20.91 18.74 -2.87
CA GLY L 35 -20.11 17.55 -3.05
C GLY L 35 -18.73 17.70 -2.44
N TYR L 36 -18.05 16.57 -2.25
CA TYR L 36 -16.71 16.58 -1.67
C TYR L 36 -16.12 15.18 -1.85
N ASP L 37 -14.92 14.99 -1.34
CA ASP L 37 -14.30 13.69 -1.41
C ASP L 37 -13.25 13.62 -0.32
N ILE L 38 -12.55 12.50 -0.22
CA ILE L 38 -11.56 12.30 0.82
C ILE L 38 -10.35 13.27 0.80
N HIS L 39 -9.98 13.75 -0.39
CA HIS L 39 -8.83 14.68 -0.50
C HIS L 39 -9.20 16.09 -0.07
N LEU L 40 -10.46 16.28 0.27
CA LEU L 40 -10.99 17.58 0.69
C LEU L 40 -11.34 18.44 -0.52
N ASN L 41 -11.36 17.82 -1.71
CA ASN L 41 -11.74 18.54 -2.91
C ASN L 41 -13.19 18.85 -2.61
N VAL L 42 -13.64 20.05 -2.96
CA VAL L 42 -15.02 20.39 -2.69
C VAL L 42 -15.72 20.90 -3.93
N VAL L 43 -17.03 20.71 -3.97
CA VAL L 43 -17.81 21.18 -5.11
C VAL L 43 -18.78 22.21 -4.59
N LEU L 44 -18.78 23.38 -5.23
CA LEU L 44 -19.69 24.45 -4.82
C LEU L 44 -20.58 24.84 -5.99
N ALA L 45 -21.79 25.27 -5.64
CA ALA L 45 -22.75 25.69 -6.65
C ALA L 45 -23.10 27.13 -6.30
N ASP L 46 -23.41 27.93 -7.31
CA ASP L 46 -23.77 29.32 -7.06
C ASP L 46 -22.66 29.93 -6.21
N ALA L 47 -21.43 29.78 -6.68
CA ALA L 47 -20.25 30.29 -5.97
C ALA L 47 -19.66 31.58 -6.52
N GLU L 48 -19.03 32.33 -5.62
CA GLU L 48 -18.37 33.57 -6.00
C GLU L 48 -17.01 33.66 -5.32
N MET L 49 -16.01 34.08 -6.08
CA MET L 49 -14.65 34.24 -5.57
C MET L 49 -14.55 35.60 -4.89
N ILE L 50 -13.96 35.63 -3.71
CA ILE L 50 -13.82 36.86 -2.96
C ILE L 50 -12.35 37.22 -2.68
N GLN L 51 -12.01 38.48 -2.93
CA GLN L 51 -10.66 38.97 -2.70
C GLN L 51 -10.76 40.32 -1.98
N ASP L 52 -9.90 40.53 -1.00
CA ASP L 52 -9.91 41.76 -0.20
C ASP L 52 -11.32 42.19 0.14
N GLY L 53 -12.20 41.21 0.31
CA GLY L 53 -13.58 41.48 0.69
C GLY L 53 -14.61 41.68 -0.40
N GLU L 54 -14.21 41.56 -1.66
CA GLU L 54 -15.15 41.75 -2.75
C GLU L 54 -15.25 40.58 -3.73
N VAL L 55 -16.43 40.46 -4.33
CA VAL L 55 -16.70 39.42 -5.30
C VAL L 55 -15.94 39.78 -6.57
N VAL L 56 -15.08 38.88 -7.03
CA VAL L 56 -14.32 39.17 -8.24
C VAL L 56 -14.77 38.26 -9.37
N LYS L 57 -15.48 37.19 -9.02
CA LYS L 57 -15.96 36.24 -10.02
C LYS L 57 -17.08 35.34 -9.51
N ARG L 58 -17.86 34.80 -10.44
CA ARG L 58 -18.98 33.94 -10.12
C ARG L 58 -18.95 32.66 -10.95
N TYR L 59 -19.38 31.56 -10.32
CA TYR L 59 -19.41 30.27 -11.00
C TYR L 59 -20.69 29.52 -10.64
N GLY L 60 -21.36 29.00 -11.66
CA GLY L 60 -22.58 28.24 -11.44
C GLY L 60 -22.22 27.01 -10.64
N LYS L 61 -21.05 26.44 -10.97
CA LYS L 61 -20.54 25.27 -10.28
C LYS L 61 -19.02 25.29 -10.37
N ILE L 62 -18.36 24.83 -9.31
CA ILE L 62 -16.91 24.82 -9.29
C ILE L 62 -16.31 23.72 -8.40
N VAL L 63 -15.33 23.00 -8.95
CA VAL L 63 -14.63 21.96 -8.23
C VAL L 63 -13.24 22.48 -7.82
N ILE L 64 -13.03 22.65 -6.52
CA ILE L 64 -11.77 23.15 -5.97
C ILE L 64 -10.92 21.98 -5.51
N ARG L 65 -9.64 21.99 -5.86
CA ARG L 65 -8.73 20.87 -5.59
C ARG L 65 -8.29 20.54 -4.15
N GLY L 66 -8.92 21.14 -3.15
CA GLY L 66 -8.57 20.79 -1.76
C GLY L 66 -7.16 20.98 -1.27
N ASP L 67 -6.20 20.74 -2.14
CA ASP L 67 -4.78 20.88 -1.85
C ASP L 67 -4.48 22.38 -1.67
N ASN L 68 -5.47 23.20 -2.02
CA ASN L 68 -5.38 24.63 -1.96
C ASN L 68 -6.16 25.24 -0.81
N VAL L 69 -6.93 24.41 -0.10
CA VAL L 69 -7.74 24.93 1.00
C VAL L 69 -7.02 25.04 2.35
N LEU L 70 -7.32 26.14 3.03
CA LEU L 70 -6.76 26.41 4.34
C LEU L 70 -7.81 25.88 5.32
N ALA L 71 -9.04 26.31 5.08
CA ALA L 71 -10.16 25.94 5.91
C ALA L 71 -11.47 26.06 5.18
N ILE L 72 -12.49 25.42 5.75
CA ILE L 72 -13.84 25.49 5.23
C ILE L 72 -14.67 25.77 6.47
N SER L 73 -15.70 26.59 6.33
CA SER L 73 -16.55 26.93 7.46
C SER L 73 -18.02 26.94 7.07
N PRO L 74 -18.86 26.27 7.85
CA PRO L 74 -20.29 26.25 7.51
C PRO L 74 -20.85 27.63 7.77
N THR L 75 -21.73 28.10 6.89
CA THR L 75 -22.36 29.41 6.99
C THR L 75 -21.55 30.49 6.30
N GLU M 5 3.32 10.78 25.75
CA GLU M 5 2.49 11.92 25.25
C GLU M 5 2.64 12.07 23.74
N ARG M 6 2.20 11.08 22.97
CA ARG M 6 2.30 11.15 21.52
C ARG M 6 1.49 12.35 21.03
N PRO M 7 1.79 12.85 19.83
CA PRO M 7 1.03 13.99 19.31
C PRO M 7 -0.49 13.82 19.39
N LEU M 8 -1.01 12.69 18.91
CA LEU M 8 -2.46 12.45 18.96
C LEU M 8 -3.02 12.23 20.35
N ASP M 9 -2.17 11.91 21.34
CA ASP M 9 -2.66 11.74 22.70
C ASP M 9 -3.01 13.12 23.21
N VAL M 10 -2.09 14.07 23.05
CA VAL M 10 -2.33 15.42 23.53
C VAL M 10 -3.50 16.04 22.79
N ILE M 11 -3.57 15.79 21.48
CA ILE M 11 -4.64 16.35 20.66
C ILE M 11 -5.99 15.75 21.02
N HIS M 12 -5.98 14.47 21.43
CA HIS M 12 -7.21 13.80 21.81
C HIS M 12 -7.69 14.32 23.15
N ARG M 13 -6.78 14.42 24.11
CA ARG M 13 -7.14 14.93 25.43
C ARG M 13 -7.66 16.35 25.34
N SER M 14 -7.39 17.01 24.22
CA SER M 14 -7.82 18.39 24.04
C SER M 14 -9.26 18.55 23.54
N LEU M 15 -9.93 17.46 23.24
CA LEU M 15 -11.31 17.56 22.78
C LEU M 15 -12.20 18.33 23.77
N ASP M 16 -12.82 19.38 23.27
CA ASP M 16 -13.71 20.24 24.04
C ASP M 16 -13.01 21.14 25.02
N LYS M 17 -11.81 21.56 24.63
CA LYS M 17 -10.98 22.47 25.40
C LYS M 17 -10.51 23.51 24.39
N ASP M 18 -9.94 24.62 24.86
CA ASP M 18 -9.45 25.65 23.95
C ASP M 18 -8.02 25.39 23.54
N VAL M 19 -7.75 25.55 22.24
CA VAL M 19 -6.42 25.34 21.73
C VAL M 19 -6.03 26.46 20.77
N LEU M 20 -4.73 26.61 20.55
CA LEU M 20 -4.20 27.62 19.65
C LEU M 20 -3.58 26.93 18.44
N VAL M 21 -4.14 27.18 17.26
CA VAL M 21 -3.61 26.58 16.05
C VAL M 21 -2.75 27.62 15.33
N ILE M 22 -1.46 27.39 15.35
CA ILE M 22 -0.49 28.28 14.72
C ILE M 22 -0.29 27.80 13.28
N LEU M 23 -0.61 28.65 12.32
CA LEU M 23 -0.47 28.26 10.92
C LEU M 23 0.93 28.55 10.38
N LYS M 24 1.22 28.07 9.18
CA LYS M 24 2.51 28.30 8.55
C LYS M 24 2.57 29.72 7.98
N LYS M 25 1.46 30.13 7.37
CA LYS M 25 1.34 31.43 6.74
C LYS M 25 1.80 32.57 7.64
N GLY M 26 1.33 32.58 8.89
CA GLY M 26 1.73 33.64 9.78
C GLY M 26 0.69 34.02 10.82
N PHE M 27 -0.51 33.47 10.71
CA PHE M 27 -1.55 33.77 11.70
C PHE M 27 -1.93 32.55 12.52
N GLU M 28 -2.96 32.72 13.34
CA GLU M 28 -3.40 31.66 14.23
C GLU M 28 -4.90 31.70 14.51
N PHE M 29 -5.47 30.54 14.81
CA PHE M 29 -6.88 30.43 15.14
C PHE M 29 -6.97 29.99 16.59
N ARG M 30 -7.92 30.55 17.33
CA ARG M 30 -8.11 30.18 18.72
C ARG M 30 -9.58 29.78 18.89
N GLY M 31 -9.81 28.55 19.36
CA GLY M 31 -11.17 28.08 19.54
C GLY M 31 -11.22 26.78 20.30
N ARG M 32 -12.41 26.22 20.41
CA ARG M 32 -12.58 24.95 21.12
C ARG M 32 -12.39 23.78 20.17
N LEU M 33 -11.44 22.90 20.51
CA LEU M 33 -11.17 21.72 19.69
C LEU M 33 -12.29 20.71 19.82
N ILE M 34 -13.06 20.52 18.76
CA ILE M 34 -14.18 19.58 18.81
C ILE M 34 -14.08 18.47 17.78
N GLY M 35 -12.89 18.22 17.25
CA GLY M 35 -12.74 17.17 16.27
C GLY M 35 -11.39 17.27 15.58
N TYR M 36 -10.96 16.16 14.98
CA TYR M 36 -9.68 16.09 14.29
C TYR M 36 -9.56 14.75 13.57
N ASP M 37 -8.49 14.56 12.80
CA ASP M 37 -8.28 13.30 12.12
C ASP M 37 -6.79 12.94 11.97
N ILE M 38 -6.52 11.73 11.48
CA ILE M 38 -5.18 11.17 11.31
C ILE M 38 -4.22 12.14 10.56
N HIS M 39 -4.77 12.97 9.67
CA HIS M 39 -3.96 13.93 8.91
C HIS M 39 -3.62 15.14 9.74
N LEU M 40 -4.29 15.27 10.87
CA LEU M 40 -4.11 16.41 11.76
C LEU M 40 -4.98 17.57 11.29
N ASN M 41 -6.13 17.24 10.70
CA ASN M 41 -7.10 18.24 10.27
C ASN M 41 -7.82 18.47 11.57
N VAL M 42 -8.21 19.71 11.87
CA VAL M 42 -8.90 19.95 13.13
C VAL M 42 -10.13 20.81 12.96
N VAL M 43 -11.08 20.65 13.87
CA VAL M 43 -12.31 21.42 13.85
C VAL M 43 -12.37 22.24 15.11
N LEU M 44 -12.72 23.52 14.96
CA LEU M 44 -12.80 24.43 16.10
C LEU M 44 -14.14 25.14 16.11
N ALA M 45 -14.72 25.29 17.30
CA ALA M 45 -16.00 25.99 17.47
C ALA M 45 -15.72 27.30 18.18
N ASP M 46 -16.54 28.31 17.91
CA ASP M 46 -16.36 29.62 18.51
C ASP M 46 -14.89 29.98 18.33
N ALA M 47 -14.47 30.03 17.07
CA ALA M 47 -13.08 30.31 16.74
C ALA M 47 -12.82 31.75 16.31
N GLU M 48 -11.59 32.18 16.55
CA GLU M 48 -11.14 33.52 16.22
C GLU M 48 -9.87 33.50 15.37
N MET M 49 -9.93 34.18 14.24
CA MET M 49 -8.75 34.35 13.44
C MET M 49 -7.99 35.48 14.06
N ILE M 50 -6.73 35.25 14.41
CA ILE M 50 -5.93 36.27 15.06
C ILE M 50 -4.68 36.53 14.24
N GLN M 51 -4.51 37.78 13.82
CA GLN M 51 -3.36 38.17 13.01
C GLN M 51 -2.16 38.61 13.84
N ASP M 52 -2.21 39.84 14.33
CA ASP M 52 -1.12 40.38 15.14
C ASP M 52 -1.63 40.57 16.56
N GLY M 53 -1.89 39.45 17.24
CA GLY M 53 -2.40 39.53 18.60
C GLY M 53 -3.75 40.22 18.59
N GLU M 54 -4.37 40.27 17.41
CA GLU M 54 -5.65 40.92 17.23
C GLU M 54 -6.71 40.00 16.57
N VAL M 55 -7.91 39.97 17.14
CA VAL M 55 -9.00 39.15 16.60
C VAL M 55 -9.54 39.77 15.30
N VAL M 56 -9.00 39.32 14.16
CA VAL M 56 -9.39 39.86 12.86
C VAL M 56 -10.61 39.18 12.23
N LYS M 57 -11.04 38.05 12.77
CA LYS M 57 -12.19 37.36 12.21
C LYS M 57 -12.75 36.31 13.16
N ARG M 58 -13.99 35.90 12.94
CA ARG M 58 -14.62 34.90 13.77
C ARG M 58 -15.46 33.89 12.98
N TYR M 59 -15.57 32.68 13.52
CA TYR M 59 -16.35 31.63 12.88
C TYR M 59 -16.97 30.71 13.94
N GLY M 60 -18.28 30.50 13.85
CA GLY M 60 -18.95 29.62 14.80
C GLY M 60 -18.36 28.22 14.76
N LYS M 61 -17.94 27.79 13.56
CA LYS M 61 -17.33 26.47 13.37
C LYS M 61 -16.45 26.48 12.12
N ILE M 62 -15.25 25.93 12.18
CA ILE M 62 -14.34 25.92 11.04
C ILE M 62 -13.49 24.62 11.02
N VAL M 63 -13.21 24.18 9.80
CA VAL M 63 -12.41 22.99 9.56
C VAL M 63 -11.08 23.43 8.94
N ILE M 64 -9.98 23.22 9.67
CA ILE M 64 -8.67 23.60 9.18
C ILE M 64 -7.90 22.39 8.65
N ARG M 65 -7.63 22.41 7.35
CA ARG M 65 -6.89 21.35 6.70
C ARG M 65 -5.52 21.25 7.37
N GLY M 66 -5.24 20.07 7.94
CA GLY M 66 -3.99 19.83 8.66
C GLY M 66 -2.69 20.24 8.02
N ASP M 67 -2.65 20.22 6.70
CA ASP M 67 -1.45 20.58 5.94
C ASP M 67 -0.98 22.03 6.18
N ASN M 68 -1.86 22.86 6.73
CA ASN M 68 -1.54 24.25 7.00
C ASN M 68 -1.11 24.51 8.45
N VAL M 69 -1.04 23.45 9.25
CA VAL M 69 -0.68 23.57 10.65
C VAL M 69 0.81 23.56 10.93
N LEU M 70 1.26 24.50 11.76
CA LEU M 70 2.64 24.58 12.15
C LEU M 70 2.72 23.85 13.50
N ALA M 71 1.78 24.18 14.38
CA ALA M 71 1.71 23.57 15.70
C ALA M 71 0.38 23.91 16.35
N ILE M 72 -0.05 23.04 17.27
CA ILE M 72 -1.29 23.22 18.00
C ILE M 72 -0.88 23.17 19.46
N SER M 73 -1.45 24.04 20.28
CA SER M 73 -1.10 24.10 21.70
C SER M 73 -2.30 24.32 22.59
N PRO M 74 -2.44 23.49 23.63
CA PRO M 74 -3.55 23.55 24.59
C PRO M 74 -3.31 24.71 25.56
N THR M 75 -4.32 25.57 25.71
CA THR M 75 -4.21 26.73 26.61
C THR M 75 -4.89 26.41 27.95
N GLU N 5 22.11 6.21 17.31
CA GLU N 5 22.65 6.71 16.01
C GLU N 5 21.55 7.03 15.00
N ARG N 6 20.61 6.13 14.81
CA ARG N 6 19.52 6.35 13.85
C ARG N 6 18.61 7.50 14.25
N PRO N 7 18.09 8.22 13.25
CA PRO N 7 17.20 9.35 13.52
C PRO N 7 16.27 9.15 14.72
N LEU N 8 15.46 8.08 14.73
CA LEU N 8 14.55 7.85 15.84
C LEU N 8 15.20 7.32 17.13
N ASP N 9 16.33 6.62 17.03
CA ASP N 9 16.96 6.15 18.26
C ASP N 9 17.31 7.37 19.10
N VAL N 10 17.77 8.41 18.42
CA VAL N 10 18.16 9.65 19.06
C VAL N 10 16.93 10.32 19.66
N ILE N 11 15.94 10.54 18.82
CA ILE N 11 14.72 11.19 19.26
C ILE N 11 14.10 10.42 20.43
N HIS N 12 14.05 9.10 20.29
CA HIS N 12 13.47 8.27 21.34
C HIS N 12 14.18 8.45 22.68
N ARG N 13 15.51 8.39 22.62
CA ARG N 13 16.36 8.57 23.80
C ARG N 13 16.27 9.98 24.39
N SER N 14 15.72 10.93 23.62
CA SER N 14 15.62 12.30 24.12
C SER N 14 14.31 12.55 24.86
N LEU N 15 13.57 11.48 25.15
CA LEU N 15 12.32 11.63 25.87
C LEU N 15 12.54 12.16 27.28
N ASP N 16 11.70 13.11 27.68
CA ASP N 16 11.78 13.75 28.99
C ASP N 16 13.08 14.53 29.12
N LYS N 17 13.67 14.85 27.96
CA LYS N 17 14.91 15.60 27.89
C LYS N 17 14.69 16.90 27.13
N ASP N 18 15.65 17.82 27.26
CA ASP N 18 15.60 19.11 26.59
C ASP N 18 16.07 18.95 25.16
N VAL N 19 15.39 19.61 24.23
CA VAL N 19 15.79 19.54 22.84
C VAL N 19 15.53 20.84 22.13
N LEU N 20 16.09 20.97 20.93
CA LEU N 20 15.90 22.16 20.13
C LEU N 20 15.28 21.73 18.79
N VAL N 21 14.09 22.23 18.52
CA VAL N 21 13.40 21.91 17.28
C VAL N 21 13.61 23.10 16.34
N ILE N 22 14.50 22.93 15.37
CA ILE N 22 14.82 23.97 14.41
C ILE N 22 13.78 23.99 13.28
N LEU N 23 12.99 25.06 13.22
CA LEU N 23 11.97 25.18 12.18
C LEU N 23 12.46 25.67 10.84
N LYS N 24 11.84 25.15 9.79
CA LYS N 24 12.16 25.51 8.42
C LYS N 24 11.89 27.01 8.20
N LYS N 25 10.75 27.48 8.70
CA LYS N 25 10.34 28.87 8.54
C LYS N 25 11.23 29.92 9.19
N GLY N 26 12.31 29.50 9.85
CA GLY N 26 13.18 30.49 10.46
C GLY N 26 13.45 30.36 11.94
N PHE N 27 12.40 30.34 12.76
CA PHE N 27 12.61 30.23 14.19
C PHE N 27 12.83 28.80 14.70
N GLU N 28 12.90 28.68 16.03
CA GLU N 28 13.14 27.39 16.66
C GLU N 28 12.38 27.28 17.97
N PHE N 29 12.25 26.06 18.47
CA PHE N 29 11.56 25.83 19.73
C PHE N 29 12.46 25.05 20.63
N ARG N 30 12.34 25.33 21.92
CA ARG N 30 13.15 24.66 22.91
C ARG N 30 12.20 24.24 24.01
N GLY N 31 12.36 23.00 24.46
CA GLY N 31 11.51 22.49 25.50
C GLY N 31 11.87 21.06 25.77
N ARG N 32 11.12 20.44 26.67
CA ARG N 32 11.35 19.07 27.04
C ARG N 32 10.52 18.17 26.12
N LEU N 33 11.19 17.26 25.42
CA LEU N 33 10.50 16.34 24.52
C LEU N 33 9.69 15.35 25.34
N ILE N 34 8.39 15.31 25.14
CA ILE N 34 7.60 14.37 25.89
C ILE N 34 6.83 13.44 24.96
N GLY N 35 7.01 13.64 23.66
CA GLY N 35 6.33 12.81 22.68
C GLY N 35 6.73 13.05 21.23
N TYR N 36 6.37 12.11 20.37
CA TYR N 36 6.69 12.21 18.96
C TYR N 36 6.03 11.05 18.22
N ASP N 37 6.17 11.03 16.90
CA ASP N 37 5.63 9.96 16.10
C ASP N 37 6.44 9.79 14.82
N ILE N 38 6.20 8.68 14.13
CA ILE N 38 6.94 8.35 12.92
C ILE N 38 6.97 9.45 11.85
N HIS N 39 6.01 10.37 11.90
CA HIS N 39 5.96 11.50 10.95
C HIS N 39 6.91 12.60 11.41
N LEU N 40 7.47 12.40 12.60
CA LEU N 40 8.36 13.35 13.24
C LEU N 40 7.65 14.53 13.88
N ASN N 41 6.36 14.35 14.20
CA ASN N 41 5.62 15.38 14.90
C ASN N 41 6.24 15.26 16.29
N VAL N 42 6.46 16.37 16.97
CA VAL N 42 7.05 16.29 18.30
C VAL N 42 6.20 17.02 19.32
N VAL N 43 6.26 16.58 20.57
CA VAL N 43 5.51 17.26 21.62
C VAL N 43 6.49 17.84 22.62
N LEU N 44 6.28 19.09 22.98
CA LEU N 44 7.15 19.76 23.94
C LEU N 44 6.33 20.28 25.10
N ALA N 45 6.96 20.30 26.27
CA ALA N 45 6.33 20.79 27.49
C ALA N 45 7.22 21.92 27.97
N ASP N 46 6.61 23.00 28.47
CA ASP N 46 7.39 24.13 28.97
C ASP N 46 8.38 24.55 27.87
N ALA N 47 7.83 24.93 26.73
CA ALA N 47 8.63 25.34 25.59
C ALA N 47 8.57 26.84 25.33
N GLU N 48 9.55 27.32 24.59
CA GLU N 48 9.60 28.72 24.22
C GLU N 48 9.95 28.89 22.77
N MET N 49 9.28 29.86 22.13
CA MET N 49 9.56 30.17 20.74
C MET N 49 10.78 31.04 20.84
N ILE N 50 11.77 30.80 19.98
CA ILE N 50 13.00 31.55 20.00
C ILE N 50 13.32 32.20 18.66
N GLN N 51 13.11 33.52 18.59
CA GLN N 51 13.36 34.29 17.38
C GLN N 51 14.57 35.18 17.67
N ASP N 52 15.58 35.12 16.80
CA ASP N 52 16.79 35.91 16.95
C ASP N 52 17.44 35.70 18.32
N GLY N 53 17.47 34.46 18.77
CA GLY N 53 18.07 34.18 20.06
C GLY N 53 17.26 34.62 21.26
N GLU N 54 16.07 35.19 21.03
CA GLU N 54 15.22 35.65 22.13
C GLU N 54 13.85 34.96 22.20
N VAL N 55 13.33 34.86 23.42
CA VAL N 55 12.03 34.22 23.66
C VAL N 55 10.86 35.13 23.31
N VAL N 56 10.11 34.78 22.27
CA VAL N 56 8.95 35.59 21.90
C VAL N 56 7.64 35.03 22.46
N LYS N 57 7.66 33.78 22.91
CA LYS N 57 6.44 33.17 23.47
C LYS N 57 6.74 31.90 24.26
N ARG N 58 5.81 31.52 25.12
CA ARG N 58 5.97 30.32 25.94
C ARG N 58 4.75 29.41 25.86
N TYR N 59 4.98 28.10 25.91
CA TYR N 59 3.87 27.15 25.88
C TYR N 59 4.15 26.01 26.86
N GLY N 60 3.16 25.69 27.69
CA GLY N 60 3.32 24.61 28.64
C GLY N 60 3.38 23.29 27.91
N LYS N 61 2.62 23.20 26.82
CA LYS N 61 2.59 22.01 25.98
C LYS N 61 2.18 22.42 24.55
N ILE N 62 2.95 21.96 23.57
CA ILE N 62 2.66 22.31 22.19
C ILE N 62 3.00 21.14 21.25
N VAL N 63 2.14 20.88 20.27
CA VAL N 63 2.36 19.81 19.30
C VAL N 63 2.82 20.43 17.98
N ILE N 64 3.96 19.97 17.49
CA ILE N 64 4.57 20.47 16.25
C ILE N 64 4.60 19.45 15.11
N ARG N 65 3.94 19.75 13.99
CA ARG N 65 3.94 18.84 12.85
C ARG N 65 5.37 18.72 12.29
N GLY N 66 5.85 17.49 12.17
CA GLY N 66 7.19 17.25 11.66
C GLY N 66 7.40 17.88 10.30
N ASP N 67 6.28 18.21 9.67
CA ASP N 67 6.24 18.84 8.37
C ASP N 67 7.08 20.15 8.39
N ASN N 68 6.99 20.87 9.49
CA ASN N 68 7.67 22.14 9.64
C ASN N 68 9.07 22.06 10.21
N VAL N 69 9.55 20.86 10.51
CA VAL N 69 10.86 20.73 11.12
C VAL N 69 12.03 20.65 10.17
N LEU N 70 13.14 21.24 10.61
CA LEU N 70 14.36 21.23 9.83
C LEU N 70 15.27 20.23 10.54
N ALA N 71 15.34 20.36 11.87
CA ALA N 71 16.18 19.48 12.66
C ALA N 71 15.75 19.48 14.12
N ILE N 72 16.31 18.56 14.88
CA ILE N 72 16.03 18.45 16.30
C ILE N 72 17.34 18.09 16.96
N SER N 73 17.77 18.93 17.90
CA SER N 73 19.01 18.69 18.59
C SER N 73 18.81 18.47 20.07
N PRO N 74 19.21 17.29 20.54
CA PRO N 74 19.12 16.85 21.95
C PRO N 74 19.91 17.77 22.87
N THR N 75 19.27 18.17 23.99
CA THR N 75 19.86 19.03 25.03
C THR N 75 19.73 20.54 24.79
N GLU O 5 -17.47 -4.82 22.32
CA GLU O 5 -18.42 -4.96 21.17
C GLU O 5 -17.74 -5.46 19.91
N ARG O 6 -16.83 -4.67 19.36
CA ARG O 6 -16.13 -5.06 18.15
C ARG O 6 -15.09 -6.11 18.50
N PRO O 7 -14.73 -6.97 17.55
CA PRO O 7 -13.74 -8.01 17.79
C PRO O 7 -12.59 -7.62 18.72
N LEU O 8 -11.81 -6.60 18.34
CA LEU O 8 -10.69 -6.19 19.18
C LEU O 8 -11.12 -5.55 20.50
N ASP O 9 -12.28 -4.91 20.53
CA ASP O 9 -12.75 -4.34 21.78
C ASP O 9 -12.88 -5.51 22.76
N VAL O 10 -13.56 -6.57 22.33
CA VAL O 10 -13.76 -7.75 23.15
C VAL O 10 -12.44 -8.41 23.50
N ILE O 11 -11.60 -8.61 22.49
CA ILE O 11 -10.31 -9.25 22.69
C ILE O 11 -9.35 -8.43 23.57
N HIS O 12 -9.52 -7.11 23.53
CA HIS O 12 -8.68 -6.22 24.33
C HIS O 12 -9.13 -6.16 25.79
N ARG O 13 -10.45 -6.26 25.99
CA ARG O 13 -11.04 -6.24 27.34
C ARG O 13 -10.82 -7.54 28.09
N SER O 14 -10.46 -8.60 27.35
CA SER O 14 -10.24 -9.90 27.97
C SER O 14 -8.80 -10.09 28.42
N LEU O 15 -7.95 -9.10 28.15
CA LEU O 15 -6.55 -9.20 28.59
C LEU O 15 -6.50 -9.59 30.07
N ASP O 16 -5.58 -10.49 30.41
CA ASP O 16 -5.39 -10.96 31.79
C ASP O 16 -6.57 -11.78 32.31
N LYS O 17 -7.46 -12.17 31.41
CA LYS O 17 -8.62 -12.96 31.77
C LYS O 17 -8.56 -14.31 31.06
N ASP O 18 -9.43 -15.23 31.48
CA ASP O 18 -9.47 -16.57 30.89
C ASP O 18 -10.27 -16.58 29.60
N VAL O 19 -9.68 -17.15 28.56
CA VAL O 19 -10.32 -17.23 27.27
C VAL O 19 -10.21 -18.64 26.68
N LEU O 20 -11.12 -18.94 25.77
CA LEU O 20 -11.13 -20.23 25.09
C LEU O 20 -10.79 -19.94 23.63
N VAL O 21 -9.76 -20.60 23.12
CA VAL O 21 -9.36 -20.40 21.74
C VAL O 21 -9.72 -21.64 20.94
N ILE O 22 -10.68 -21.49 20.05
CA ILE O 22 -11.15 -22.59 19.23
C ILE O 22 -10.42 -22.56 17.89
N LEU O 23 -9.62 -23.58 17.64
CA LEU O 23 -8.85 -23.68 16.40
C LEU O 23 -9.64 -24.33 15.27
N LYS O 24 -9.35 -23.87 14.05
CA LYS O 24 -10.00 -24.40 12.87
C LYS O 24 -9.95 -25.94 12.91
N LYS O 25 -8.74 -26.47 13.09
CA LYS O 25 -8.54 -27.92 13.15
C LYS O 25 -9.32 -28.53 14.30
N GLY O 26 -9.00 -29.78 14.64
CA GLY O 26 -9.72 -30.46 15.70
C GLY O 26 -9.40 -30.19 17.16
N PHE O 27 -9.40 -28.94 17.59
CA PHE O 27 -9.14 -28.67 19.00
C PHE O 27 -9.17 -27.21 19.48
N GLU O 28 -8.92 -27.05 20.77
CA GLU O 28 -8.94 -25.74 21.41
C GLU O 28 -7.90 -25.55 22.51
N PHE O 29 -7.69 -24.30 22.88
CA PHE O 29 -6.75 -23.94 23.94
C PHE O 29 -7.47 -23.06 24.93
N ARG O 30 -7.27 -23.33 26.21
CA ARG O 30 -7.89 -22.55 27.25
C ARG O 30 -6.77 -21.98 28.11
N GLY O 31 -6.92 -20.72 28.50
CA GLY O 31 -5.89 -20.08 29.32
C GLY O 31 -6.14 -18.58 29.49
N ARG O 32 -5.28 -17.94 30.26
CA ARG O 32 -5.38 -16.52 30.49
C ARG O 32 -4.74 -15.79 29.33
N LEU O 33 -5.46 -14.82 28.75
CA LEU O 33 -4.95 -14.06 27.63
C LEU O 33 -4.01 -12.95 28.15
N ILE O 34 -2.78 -12.92 27.67
CA ILE O 34 -1.86 -11.90 28.13
C ILE O 34 -1.36 -10.96 27.03
N GLY O 35 -1.65 -11.32 25.79
CA GLY O 35 -1.24 -10.50 24.66
C GLY O 35 -1.79 -10.97 23.33
N TYR O 36 -1.86 -10.05 22.36
CA TYR O 36 -2.39 -10.35 21.05
C TYR O 36 -1.90 -9.25 20.08
N ASP O 37 -2.21 -9.40 18.79
CA ASP O 37 -1.87 -8.39 17.80
C ASP O 37 -2.99 -8.24 16.78
N ILE O 38 -2.73 -7.48 15.72
CA ILE O 38 -3.73 -7.23 14.69
C ILE O 38 -4.05 -8.41 13.76
N HIS O 39 -3.15 -9.39 13.71
CA HIS O 39 -3.33 -10.56 12.87
C HIS O 39 -4.20 -11.55 13.63
N LEU O 40 -4.53 -11.14 14.85
CA LEU O 40 -5.36 -11.95 15.74
C LEU O 40 -4.52 -13.06 16.39
N ASN O 41 -3.20 -12.91 16.36
CA ASN O 41 -2.31 -13.85 17.00
C ASN O 41 -2.61 -13.64 18.49
N VAL O 42 -2.69 -14.72 19.26
CA VAL O 42 -2.98 -14.58 20.68
C VAL O 42 -1.89 -15.22 21.51
N VAL O 43 -1.69 -14.71 22.72
CA VAL O 43 -0.70 -15.27 23.61
C VAL O 43 -1.41 -15.70 24.88
N LEU O 44 -1.26 -16.96 25.25
CA LEU O 44 -1.90 -17.47 26.45
C LEU O 44 -0.88 -17.93 27.46
N ALA O 45 -1.21 -17.74 28.74
CA ALA O 45 -0.34 -18.17 29.83
C ALA O 45 -1.10 -19.25 30.57
N ASP O 46 -0.39 -20.28 31.04
CA ASP O 46 -1.05 -21.37 31.75
C ASP O 46 -2.14 -21.91 30.82
N ALA O 47 -1.72 -22.39 29.66
CA ALA O 47 -2.67 -22.91 28.68
C ALA O 47 -2.76 -24.44 28.67
N GLU O 48 -3.94 -24.92 28.28
CA GLU O 48 -4.21 -26.35 28.19
C GLU O 48 -4.75 -26.62 26.80
N MET O 49 -4.20 -27.61 26.12
CA MET O 49 -4.71 -27.96 24.80
C MET O 49 -5.90 -28.86 25.12
N ILE O 50 -7.08 -28.52 24.62
CA ILE O 50 -8.25 -29.36 24.88
C ILE O 50 -8.65 -30.13 23.64
N GLN O 51 -9.00 -31.39 23.82
CA GLN O 51 -9.40 -32.24 22.71
C GLN O 51 -10.43 -33.26 23.15
N ASP O 52 -11.58 -33.24 22.49
CA ASP O 52 -12.68 -34.14 22.81
C ASP O 52 -13.08 -34.01 24.28
N GLY O 53 -12.92 -32.80 24.81
CA GLY O 53 -13.28 -32.53 26.19
C GLY O 53 -12.19 -32.79 27.21
N GLU O 54 -11.06 -33.34 26.77
CA GLU O 54 -9.98 -33.65 27.68
C GLU O 54 -8.72 -32.78 27.49
N VAL O 55 -7.94 -32.62 28.55
CA VAL O 55 -6.71 -31.85 28.45
C VAL O 55 -5.61 -32.80 28.02
N VAL O 56 -5.03 -32.53 26.85
CA VAL O 56 -3.97 -33.37 26.32
C VAL O 56 -2.59 -32.76 26.59
N LYS O 57 -2.54 -31.45 26.82
CA LYS O 57 -1.25 -30.82 27.05
C LYS O 57 -1.33 -29.47 27.77
N ARG O 58 -0.23 -29.10 28.43
CA ARG O 58 -0.15 -27.84 29.16
C ARG O 58 1.07 -27.02 28.74
N TYR O 59 0.89 -25.70 28.61
CA TYR O 59 1.99 -24.84 28.22
C TYR O 59 2.03 -23.63 29.13
N GLY O 60 3.20 -23.37 29.73
CA GLY O 60 3.34 -22.23 30.62
C GLY O 60 2.99 -20.96 29.87
N LYS O 61 3.37 -20.93 28.59
CA LYS O 61 3.10 -19.79 27.73
C LYS O 61 3.15 -20.28 26.30
N ILE O 62 2.19 -19.84 25.47
CA ILE O 62 2.16 -20.26 24.08
C ILE O 62 1.59 -19.17 23.16
N VAL O 63 2.27 -18.96 22.03
CA VAL O 63 1.84 -17.97 21.05
C VAL O 63 1.12 -18.69 19.90
N ILE O 64 -0.15 -18.40 19.74
CA ILE O 64 -0.95 -19.02 18.69
C ILE O 64 -1.08 -18.10 17.50
N ARG O 65 -0.72 -18.61 16.33
CA ARG O 65 -0.80 -17.84 15.09
C ARG O 65 -2.27 -17.71 14.64
N GLY O 66 -2.75 -16.47 14.65
CA GLY O 66 -4.13 -16.08 14.31
C GLY O 66 -4.88 -16.83 13.18
N ASP O 67 -4.18 -17.24 12.12
CA ASP O 67 -4.86 -17.88 11.00
C ASP O 67 -5.29 -19.33 11.30
N ASN O 68 -4.95 -19.82 12.49
CA ASN O 68 -5.32 -21.17 12.90
C ASN O 68 -6.57 -21.08 13.75
N VAL O 69 -6.91 -19.85 14.13
CA VAL O 69 -8.06 -19.58 14.98
C VAL O 69 -9.40 -19.54 14.29
N LEU O 70 -10.37 -20.16 14.92
CA LEU O 70 -11.73 -20.17 14.40
C LEU O 70 -12.53 -19.14 15.18
N ALA O 71 -12.40 -19.19 16.49
CA ALA O 71 -13.12 -18.28 17.35
C ALA O 71 -12.43 -18.18 18.69
N ILE O 72 -12.69 -17.08 19.39
CA ILE O 72 -12.13 -16.85 20.72
C ILE O 72 -13.26 -16.43 21.63
N SER O 73 -13.43 -17.17 22.73
CA SER O 73 -14.51 -16.87 23.66
C SER O 73 -14.03 -16.51 25.06
N PRO O 74 -14.51 -15.36 25.56
CA PRO O 74 -14.14 -14.90 26.90
C PRO O 74 -14.83 -15.76 27.95
N THR O 75 -14.04 -16.44 28.79
CA THR O 75 -14.60 -17.27 29.85
C THR O 75 -15.43 -16.42 30.79
N GLU P 5 -29.67 -3.11 -0.87
CA GLU P 5 -28.88 -2.84 0.33
C GLU P 5 -27.57 -3.76 0.29
N ARG P 6 -26.31 -3.19 0.54
CA ARG P 6 -24.89 -3.83 0.40
C ARG P 6 -24.40 -4.87 1.52
N PRO P 7 -23.26 -5.72 1.36
CA PRO P 7 -22.87 -6.65 2.49
C PRO P 7 -22.81 -6.00 3.87
N LEU P 8 -21.97 -5.03 4.03
CA LEU P 8 -21.84 -4.40 5.34
C LEU P 8 -23.10 -3.63 5.73
N ASP P 9 -23.91 -3.22 4.76
CA ASP P 9 -25.12 -2.51 5.13
C ASP P 9 -26.01 -3.45 5.93
N VAL P 10 -26.21 -4.66 5.39
CA VAL P 10 -27.05 -5.66 6.03
C VAL P 10 -26.52 -6.02 7.40
N ILE P 11 -25.20 -6.26 7.48
CA ILE P 11 -24.54 -6.63 8.72
C ILE P 11 -24.63 -5.54 9.78
N HIS P 12 -24.40 -4.30 9.36
CA HIS P 12 -24.47 -3.20 10.27
C HIS P 12 -25.90 -3.11 10.85
N ARG P 13 -26.89 -3.24 9.96
CA ARG P 13 -28.30 -3.18 10.35
C ARG P 13 -28.75 -4.33 11.25
N SER P 14 -28.01 -5.43 11.24
CA SER P 14 -28.34 -6.58 12.07
C SER P 14 -27.74 -6.44 13.45
N LEU P 15 -27.11 -5.31 13.74
CA LEU P 15 -26.51 -5.13 15.05
C LEU P 15 -27.57 -5.30 16.13
N ASP P 16 -27.25 -6.08 17.15
CA ASP P 16 -28.15 -6.32 18.25
C ASP P 16 -29.38 -7.15 17.86
N LYS P 17 -29.29 -7.85 16.74
CA LYS P 17 -30.38 -8.68 16.29
C LYS P 17 -29.84 -10.10 16.15
N ASP P 18 -30.74 -11.07 16.10
CA ASP P 18 -30.34 -12.47 15.96
C ASP P 18 -29.94 -12.76 14.54
N VAL P 19 -28.84 -13.52 14.40
CA VAL P 19 -28.34 -13.89 13.09
C VAL P 19 -27.83 -15.32 13.10
N LEU P 20 -27.64 -15.87 11.91
CA LEU P 20 -27.12 -17.21 11.72
C LEU P 20 -25.78 -17.06 11.01
N VAL P 21 -24.74 -17.65 11.57
CA VAL P 21 -23.42 -17.59 10.96
C VAL P 21 -23.03 -18.97 10.47
N ILE P 22 -23.13 -19.17 9.16
CA ILE P 22 -22.79 -20.44 8.56
C ILE P 22 -21.29 -20.50 8.30
N LEU P 23 -20.62 -21.38 9.02
CA LEU P 23 -19.18 -21.54 8.88
C LEU P 23 -18.86 -22.49 7.75
N LYS P 24 -17.64 -22.39 7.23
CA LYS P 24 -17.17 -23.22 6.14
C LYS P 24 -16.87 -24.64 6.60
N LYS P 25 -16.44 -24.78 7.84
CA LYS P 25 -16.12 -26.09 8.40
C LYS P 25 -17.37 -26.98 8.35
N GLY P 26 -18.53 -26.36 8.29
CA GLY P 26 -19.75 -27.12 8.24
C GLY P 26 -20.80 -26.62 9.21
N PHE P 27 -20.53 -26.68 10.50
CA PHE P 27 -21.52 -26.21 11.46
C PHE P 27 -21.79 -24.72 11.40
N GLU P 28 -22.72 -24.26 12.21
CA GLU P 28 -23.10 -22.87 12.22
C GLU P 28 -23.34 -22.35 13.63
N PHE P 29 -23.31 -21.03 13.78
CA PHE P 29 -23.55 -20.40 15.07
C PHE P 29 -24.79 -19.54 14.96
N ARG P 30 -25.50 -19.41 16.06
CA ARG P 30 -26.70 -18.60 16.10
C ARG P 30 -26.53 -17.76 17.36
N GLY P 31 -26.75 -16.46 17.22
CA GLY P 31 -26.61 -15.57 18.36
C GLY P 31 -26.98 -14.14 18.02
N ARG P 32 -26.83 -13.25 19.00
CA ARG P 32 -27.14 -11.85 18.77
C ARG P 32 -25.86 -11.13 18.33
N LEU P 33 -25.91 -10.51 17.15
CA LEU P 33 -24.76 -9.78 16.64
C LEU P 33 -24.56 -8.52 17.44
N ILE P 34 -23.42 -8.42 18.10
CA ILE P 34 -23.13 -7.25 18.89
C ILE P 34 -21.95 -6.46 18.32
N GLY P 35 -21.28 -7.02 17.31
CA GLY P 35 -20.16 -6.33 16.71
C GLY P 35 -19.56 -7.01 15.49
N TYR P 36 -18.69 -6.30 14.76
CA TYR P 36 -18.04 -6.82 13.56
C TYR P 36 -16.94 -5.87 13.03
N ASP P 37 -16.24 -6.29 11.97
CA ASP P 37 -15.22 -5.46 11.33
C ASP P 37 -15.05 -5.76 9.84
N ILE P 38 -14.21 -5.00 9.14
CA ILE P 38 -14.03 -5.16 7.70
C ILE P 38 -13.52 -6.50 7.23
N HIS P 39 -12.88 -7.26 8.11
CA HIS P 39 -12.36 -8.57 7.72
C HIS P 39 -13.54 -9.54 7.77
N LEU P 40 -14.64 -9.02 8.32
CA LEU P 40 -15.90 -9.73 8.49
C LEU P 40 -15.86 -10.63 9.73
N ASN P 41 -15.03 -10.26 10.71
CA ASN P 41 -14.96 -11.00 11.98
C ASN P 41 -16.25 -10.52 12.65
N VAL P 42 -16.91 -11.39 13.42
CA VAL P 42 -18.13 -10.96 14.09
C VAL P 42 -18.19 -11.39 15.54
N VAL P 43 -18.96 -10.66 16.34
CA VAL P 43 -19.10 -10.96 17.76
C VAL P 43 -20.55 -11.26 18.08
N LEU P 44 -20.78 -12.43 18.67
CA LEU P 44 -22.13 -12.85 19.05
C LEU P 44 -22.30 -13.00 20.56
N ALA P 45 -23.47 -12.62 21.06
CA ALA P 45 -23.78 -12.73 22.48
C ALA P 45 -24.81 -13.84 22.61
N ASP P 46 -24.73 -14.59 23.72
CA ASP P 46 -25.66 -15.69 23.97
C ASP P 46 -25.64 -16.55 22.70
N ALA P 47 -24.50 -17.15 22.42
CA ALA P 47 -24.31 -17.94 21.22
C ALA P 47 -24.53 -19.44 21.41
N GLU P 48 -24.89 -20.08 20.31
CA GLU P 48 -25.14 -21.50 20.29
C GLU P 48 -24.39 -22.13 19.13
N MET P 49 -23.51 -23.07 19.41
CA MET P 49 -22.83 -23.78 18.36
C MET P 49 -23.81 -24.83 17.91
N ILE P 50 -24.33 -24.71 16.70
CA ILE P 50 -25.30 -25.66 16.18
C ILE P 50 -24.63 -26.64 15.24
N GLN P 51 -24.98 -27.93 15.38
CA GLN P 51 -24.40 -28.96 14.54
C GLN P 51 -25.43 -30.03 14.21
N ASP P 52 -25.59 -30.31 12.91
CA ASP P 52 -26.54 -31.31 12.44
C ASP P 52 -27.92 -31.07 13.05
N GLY P 53 -28.24 -29.80 13.29
CA GLY P 53 -29.52 -29.44 13.85
C GLY P 53 -29.57 -29.53 15.37
N GLU P 54 -28.41 -29.71 16.00
CA GLU P 54 -28.34 -29.81 17.44
C GLU P 54 -27.42 -28.75 18.07
N VAL P 55 -27.93 -28.09 19.11
CA VAL P 55 -27.16 -27.10 19.82
C VAL P 55 -26.18 -27.90 20.68
N VAL P 56 -24.94 -28.02 20.22
CA VAL P 56 -23.93 -28.79 20.95
C VAL P 56 -23.07 -27.94 21.87
N LYS P 57 -23.27 -26.62 21.84
CA LYS P 57 -22.47 -25.76 22.70
C LYS P 57 -23.02 -24.37 22.90
N ARG P 58 -22.61 -23.71 23.98
CA ARG P 58 -23.07 -22.36 24.25
C ARG P 58 -21.97 -21.46 24.80
N TYR P 59 -22.02 -20.18 24.44
CA TYR P 59 -21.06 -19.19 24.89
C TYR P 59 -21.78 -17.87 25.14
N GLY P 60 -21.39 -17.17 26.20
CA GLY P 60 -22.00 -15.89 26.53
C GLY P 60 -21.64 -14.85 25.48
N LYS P 61 -20.37 -14.88 25.07
CA LYS P 61 -19.87 -13.97 24.05
C LYS P 61 -18.75 -14.68 23.31
N ILE P 62 -18.72 -14.51 21.99
CA ILE P 62 -17.70 -15.18 21.20
C ILE P 62 -17.34 -14.35 19.98
N VAL P 63 -16.03 -14.33 19.67
CA VAL P 63 -15.49 -13.62 18.53
C VAL P 63 -15.13 -14.66 17.48
N ILE P 64 -15.74 -14.55 16.31
CA ILE P 64 -15.52 -15.48 15.21
C ILE P 64 -14.69 -14.86 14.07
N ARG P 65 -13.54 -15.46 13.80
CA ARG P 65 -12.69 -14.97 12.73
C ARG P 65 -13.43 -15.16 11.39
N GLY P 66 -13.84 -14.04 10.81
CA GLY P 66 -14.56 -14.03 9.55
C GLY P 66 -13.97 -14.85 8.41
N ASP P 67 -12.74 -15.28 8.58
CA ASP P 67 -12.00 -16.08 7.62
C ASP P 67 -12.61 -17.49 7.48
N ASN P 68 -13.39 -17.89 8.48
CA ASN P 68 -14.03 -19.20 8.52
C ASN P 68 -15.48 -19.08 8.10
N VAL P 69 -15.94 -17.87 7.85
CA VAL P 69 -17.33 -17.66 7.50
C VAL P 69 -17.71 -17.95 6.07
N LEU P 70 -18.86 -18.61 5.91
CA LEU P 70 -19.36 -18.93 4.60
C LEU P 70 -20.48 -17.93 4.28
N ALA P 71 -21.26 -17.63 5.31
CA ALA P 71 -22.36 -16.68 5.17
C ALA P 71 -22.87 -16.23 6.53
N ILE P 72 -23.70 -15.20 6.52
CA ILE P 72 -24.30 -14.66 7.72
C ILE P 72 -25.72 -14.27 7.32
N SER P 73 -26.70 -14.77 8.06
CA SER P 73 -28.08 -14.47 7.74
C SER P 73 -28.81 -13.85 8.92
N PRO P 74 -29.56 -12.76 8.67
CA PRO P 74 -30.30 -12.09 9.73
C PRO P 74 -31.60 -12.83 9.97
N THR P 75 -31.83 -13.22 11.23
CA THR P 75 -33.04 -13.94 11.62
C THR P 75 -34.16 -12.94 11.90
N GLU Q 5 -17.65 -6.67 -21.19
CA GLU Q 5 -18.38 -7.16 -20.00
C GLU Q 5 -17.42 -7.74 -18.97
N ARG Q 6 -17.00 -6.89 -18.03
CA ARG Q 6 -16.09 -7.31 -16.97
C ARG Q 6 -16.87 -7.99 -15.85
N PRO Q 7 -16.19 -8.85 -15.07
CA PRO Q 7 -16.83 -9.57 -13.97
C PRO Q 7 -17.84 -8.70 -13.22
N LEU Q 8 -17.35 -7.60 -12.64
CA LEU Q 8 -18.22 -6.70 -11.88
C LEU Q 8 -19.26 -5.95 -12.70
N ASP Q 9 -19.08 -5.87 -14.02
CA ASP Q 9 -20.07 -5.19 -14.82
C ASP Q 9 -21.29 -6.10 -14.82
N VAL Q 10 -21.06 -7.37 -15.13
CA VAL Q 10 -22.13 -8.35 -15.15
C VAL Q 10 -22.79 -8.43 -13.78
N ILE Q 11 -21.99 -8.46 -12.72
CA ILE Q 11 -22.55 -8.57 -11.39
C ILE Q 11 -23.43 -7.39 -11.05
N HIS Q 12 -22.93 -6.18 -11.32
CA HIS Q 12 -23.67 -4.97 -11.07
C HIS Q 12 -24.99 -4.95 -11.84
N ARG Q 13 -24.92 -5.32 -13.11
CA ARG Q 13 -26.11 -5.34 -13.96
C ARG Q 13 -27.17 -6.29 -13.46
N SER Q 14 -26.76 -7.29 -12.68
CA SER Q 14 -27.68 -8.29 -12.15
C SER Q 14 -28.44 -7.88 -10.91
N LEU Q 15 -28.10 -6.72 -10.34
CA LEU Q 15 -28.81 -6.26 -9.13
C LEU Q 15 -30.32 -6.43 -9.28
N ASP Q 16 -31.00 -6.72 -8.17
CA ASP Q 16 -32.45 -6.92 -8.14
C ASP Q 16 -32.89 -8.00 -9.10
N LYS Q 17 -32.00 -8.94 -9.37
CA LYS Q 17 -32.31 -10.04 -10.26
C LYS Q 17 -31.94 -11.39 -9.67
N ASP Q 18 -32.49 -12.43 -10.27
CA ASP Q 18 -32.25 -13.79 -9.83
C ASP Q 18 -30.91 -14.23 -10.36
N VAL Q 19 -30.09 -14.80 -9.48
CA VAL Q 19 -28.80 -15.30 -9.91
C VAL Q 19 -28.57 -16.63 -9.19
N LEU Q 20 -27.51 -17.31 -9.59
CA LEU Q 20 -27.15 -18.57 -8.98
C LEU Q 20 -25.75 -18.37 -8.43
N VAL Q 21 -25.54 -18.81 -7.19
CA VAL Q 21 -24.25 -18.68 -6.57
C VAL Q 21 -23.67 -20.07 -6.32
N ILE Q 22 -22.77 -20.48 -7.19
CA ILE Q 22 -22.13 -21.78 -7.08
C ILE Q 22 -20.95 -21.68 -6.11
N LEU Q 23 -21.10 -22.26 -4.93
CA LEU Q 23 -20.02 -22.21 -3.95
C LEU Q 23 -19.00 -23.30 -4.28
N LYS Q 24 -17.79 -23.17 -3.77
CA LYS Q 24 -16.78 -24.16 -4.05
C LYS Q 24 -16.97 -25.40 -3.17
N LYS Q 25 -17.70 -25.23 -2.08
CA LYS Q 25 -17.97 -26.32 -1.15
C LYS Q 25 -18.79 -27.43 -1.83
N GLY Q 26 -19.32 -27.13 -3.00
CA GLY Q 26 -20.13 -28.11 -3.71
C GLY Q 26 -21.55 -27.63 -3.97
N PHE Q 27 -22.27 -27.29 -2.90
CA PHE Q 27 -23.64 -26.83 -3.06
C PHE Q 27 -23.76 -25.42 -3.63
N GLU Q 28 -24.98 -24.94 -3.84
CA GLU Q 28 -25.19 -23.63 -4.43
C GLU Q 28 -26.43 -22.91 -3.92
N PHE Q 29 -26.33 -21.59 -3.77
CA PHE Q 29 -27.47 -20.78 -3.32
C PHE Q 29 -28.13 -20.17 -4.54
N ARG Q 30 -29.40 -19.80 -4.38
CA ARG Q 30 -30.18 -19.20 -5.45
C ARG Q 30 -31.01 -18.08 -4.84
N GLY Q 31 -31.13 -16.96 -5.54
CA GLY Q 31 -31.91 -15.86 -5.01
C GLY Q 31 -31.74 -14.56 -5.77
N ARG Q 32 -32.36 -13.51 -5.24
CA ARG Q 32 -32.31 -12.19 -5.84
C ARG Q 32 -31.12 -11.41 -5.28
N LEU Q 33 -30.24 -10.93 -6.17
CA LEU Q 33 -29.07 -10.16 -5.77
C LEU Q 33 -29.48 -8.75 -5.37
N ILE Q 34 -29.20 -8.36 -4.13
CA ILE Q 34 -29.57 -7.03 -3.70
C ILE Q 34 -28.35 -6.26 -3.21
N GLY Q 35 -27.17 -6.82 -3.45
CA GLY Q 35 -25.96 -6.14 -3.02
C GLY Q 35 -24.70 -6.96 -3.25
N TYR Q 36 -23.56 -6.28 -3.22
CA TYR Q 36 -22.29 -6.91 -3.41
C TYR Q 36 -21.18 -5.92 -3.15
N ASP Q 37 -19.94 -6.38 -3.16
CA ASP Q 37 -18.79 -5.51 -2.96
C ASP Q 37 -17.60 -6.00 -3.78
N ILE Q 38 -16.48 -5.26 -3.73
CA ILE Q 38 -15.29 -5.59 -4.50
C ILE Q 38 -14.63 -6.90 -4.08
N HIS Q 39 -15.00 -7.44 -2.92
CA HIS Q 39 -14.43 -8.72 -2.49
C HIS Q 39 -15.17 -9.85 -3.16
N LEU Q 40 -16.31 -9.48 -3.74
CA LEU Q 40 -17.19 -10.43 -4.39
C LEU Q 40 -18.15 -11.03 -3.37
N ASN Q 41 -18.32 -10.33 -2.25
CA ASN Q 41 -19.26 -10.75 -1.24
C ASN Q 41 -20.59 -10.39 -1.90
N VAL Q 42 -21.59 -11.26 -1.82
CA VAL Q 42 -22.87 -10.94 -2.43
C VAL Q 42 -24.01 -11.08 -1.44
N VAL Q 43 -25.11 -10.41 -1.70
CA VAL Q 43 -26.25 -10.50 -0.81
C VAL Q 43 -27.48 -10.90 -1.61
N LEU Q 44 -28.17 -11.93 -1.12
CA LEU Q 44 -29.37 -12.43 -1.77
C LEU Q 44 -30.58 -12.35 -0.83
N ALA Q 45 -31.73 -12.05 -1.42
CA ALA Q 45 -32.97 -11.97 -0.65
C ALA Q 45 -33.86 -13.12 -1.14
N ASP Q 46 -34.57 -13.76 -0.22
CA ASP Q 46 -35.45 -14.87 -0.57
C ASP Q 46 -34.59 -15.91 -1.29
N ALA Q 47 -33.55 -16.35 -0.59
CA ALA Q 47 -32.59 -17.30 -1.12
C ALA Q 47 -32.83 -18.76 -0.71
N GLU Q 48 -32.33 -19.67 -1.54
CA GLU Q 48 -32.47 -21.09 -1.30
C GLU Q 48 -31.14 -21.82 -1.41
N MET Q 49 -30.89 -22.71 -0.47
CA MET Q 49 -29.66 -23.48 -0.51
C MET Q 49 -29.98 -24.72 -1.32
N ILE Q 50 -29.29 -24.90 -2.43
CA ILE Q 50 -29.52 -26.06 -3.27
C ILE Q 50 -28.43 -27.10 -3.11
N GLN Q 51 -28.82 -28.27 -2.62
CA GLN Q 51 -27.89 -29.36 -2.40
C GLN Q 51 -28.28 -30.54 -3.30
N ASP Q 52 -27.44 -30.81 -4.30
CA ASP Q 52 -27.69 -31.90 -5.23
C ASP Q 52 -29.03 -31.79 -5.95
N GLY Q 53 -29.40 -30.58 -6.33
CA GLY Q 53 -30.65 -30.36 -7.05
C GLY Q 53 -31.90 -30.12 -6.23
N GLU Q 54 -31.79 -30.26 -4.91
CA GLU Q 54 -32.96 -30.06 -4.06
C GLU Q 54 -32.80 -28.97 -2.99
N VAL Q 55 -33.86 -28.19 -2.81
CA VAL Q 55 -33.86 -27.12 -1.82
C VAL Q 55 -33.77 -27.67 -0.41
N VAL Q 56 -32.65 -27.40 0.27
CA VAL Q 56 -32.43 -27.88 1.62
C VAL Q 56 -32.65 -26.81 2.68
N LYS Q 57 -32.85 -25.56 2.25
CA LYS Q 57 -33.08 -24.48 3.22
C LYS Q 57 -33.39 -23.17 2.53
N ARG Q 58 -34.03 -22.27 3.27
CA ARG Q 58 -34.42 -20.97 2.73
C ARG Q 58 -33.96 -19.82 3.61
N TYR Q 59 -33.68 -18.67 2.99
CA TYR Q 59 -33.22 -17.50 3.72
C TYR Q 59 -33.84 -16.20 3.20
N GLY Q 60 -34.49 -15.47 4.10
CA GLY Q 60 -35.12 -14.22 3.73
C GLY Q 60 -34.07 -13.32 3.11
N LYS Q 61 -32.86 -13.37 3.68
CA LYS Q 61 -31.75 -12.56 3.19
C LYS Q 61 -30.46 -13.15 3.76
N ILE Q 62 -29.45 -13.30 2.91
CA ILE Q 62 -28.20 -13.88 3.35
C ILE Q 62 -26.98 -13.20 2.71
N VAL Q 63 -25.93 -12.99 3.51
CA VAL Q 63 -24.69 -12.35 3.06
C VAL Q 63 -23.65 -13.44 2.89
N ILE Q 64 -23.13 -13.59 1.68
CA ILE Q 64 -22.15 -14.64 1.41
C ILE Q 64 -20.71 -14.19 1.15
N ARG Q 65 -19.81 -14.61 2.02
CA ARG Q 65 -18.40 -14.30 1.88
C ARG Q 65 -17.91 -14.76 0.51
N GLY Q 66 -17.61 -13.78 -0.35
CA GLY Q 66 -17.15 -14.07 -1.71
C GLY Q 66 -15.98 -15.01 -1.81
N ASP Q 67 -15.42 -15.33 -0.67
CA ASP Q 67 -14.28 -16.22 -0.53
C ASP Q 67 -14.66 -17.67 -0.83
N ASN Q 68 -15.94 -18.00 -0.64
CA ASN Q 68 -16.45 -19.33 -0.85
C ASN Q 68 -17.07 -19.49 -2.21
N VAL Q 69 -17.09 -18.40 -2.97
CA VAL Q 69 -17.71 -18.42 -4.29
C VAL Q 69 -16.85 -19.06 -5.37
N LEU Q 70 -17.50 -19.84 -6.22
CA LEU Q 70 -16.80 -20.45 -7.33
C LEU Q 70 -17.20 -19.62 -8.55
N ALA Q 71 -18.50 -19.35 -8.66
CA ALA Q 71 -19.03 -18.58 -9.77
C ALA Q 71 -20.42 -18.09 -9.45
N ILE Q 72 -20.91 -17.16 -10.26
CA ILE Q 72 -22.25 -16.57 -10.10
C ILE Q 72 -22.80 -16.47 -11.52
N SER Q 73 -24.06 -16.84 -11.70
CA SER Q 73 -24.70 -16.80 -13.02
C SER Q 73 -26.08 -16.18 -12.93
N PRO Q 74 -26.34 -15.14 -13.74
CA PRO Q 74 -27.64 -14.47 -13.73
C PRO Q 74 -28.71 -15.39 -14.32
N THR Q 75 -29.72 -15.73 -13.52
CA THR Q 75 -30.81 -16.60 -13.99
C THR Q 75 -31.33 -16.16 -15.36
N GLU R 5 4.31 -12.17 -25.13
CA GLU R 5 3.12 -13.01 -24.84
C GLU R 5 2.96 -13.36 -23.35
N ARG R 6 2.60 -12.34 -22.58
CA ARG R 6 2.38 -12.51 -21.15
C ARG R 6 1.00 -13.10 -20.90
N PRO R 7 0.77 -13.64 -19.69
CA PRO R 7 -0.50 -14.23 -19.28
C PRO R 7 -1.72 -13.39 -19.66
N LEU R 8 -1.76 -12.16 -19.17
CA LEU R 8 -2.88 -11.27 -19.46
C LEU R 8 -2.92 -10.79 -20.89
N ASP R 9 -1.92 -11.15 -21.70
CA ASP R 9 -1.93 -10.75 -23.10
C ASP R 9 -2.75 -11.79 -23.86
N VAL R 10 -2.49 -13.05 -23.56
CA VAL R 10 -3.19 -14.16 -24.20
C VAL R 10 -4.67 -14.10 -23.83
N ILE R 11 -4.95 -13.81 -22.56
CA ILE R 11 -6.34 -13.75 -22.12
C ILE R 11 -7.07 -12.60 -22.82
N HIS R 12 -6.40 -11.44 -22.91
CA HIS R 12 -7.01 -10.29 -23.55
C HIS R 12 -7.31 -10.54 -25.03
N ARG R 13 -6.39 -11.24 -25.71
CA ARG R 13 -6.61 -11.53 -27.13
C ARG R 13 -7.69 -12.58 -27.36
N SER R 14 -8.20 -13.18 -26.29
CA SER R 14 -9.23 -14.20 -26.42
C SER R 14 -10.63 -13.64 -26.20
N LEU R 15 -10.73 -12.32 -26.07
CA LEU R 15 -12.04 -11.72 -25.87
C LEU R 15 -12.89 -12.04 -27.09
N ASP R 16 -14.14 -12.43 -26.82
CA ASP R 16 -15.11 -12.80 -27.85
C ASP R 16 -14.65 -14.03 -28.63
N LYS R 17 -13.85 -14.87 -28.00
CA LYS R 17 -13.36 -16.09 -28.61
C LYS R 17 -13.61 -17.29 -27.66
N ASP R 18 -13.46 -18.53 -28.15
CA ASP R 18 -13.69 -19.73 -27.32
C ASP R 18 -12.49 -20.12 -26.47
N VAL R 19 -12.72 -20.31 -25.18
CA VAL R 19 -11.65 -20.68 -24.28
C VAL R 19 -12.05 -21.84 -23.38
N LEU R 20 -11.05 -22.44 -22.73
CA LEU R 20 -11.26 -23.55 -21.81
C LEU R 20 -10.70 -23.18 -20.43
N VAL R 21 -11.58 -23.19 -19.43
CA VAL R 21 -11.16 -22.86 -18.07
C VAL R 21 -11.05 -24.15 -17.25
N ILE R 22 -9.82 -24.57 -16.99
CA ILE R 22 -9.59 -25.74 -16.18
C ILE R 22 -9.58 -25.23 -14.74
N LEU R 23 -10.54 -25.70 -13.94
CA LEU R 23 -10.62 -25.29 -12.55
C LEU R 23 -9.72 -26.17 -11.69
N LYS R 24 -9.19 -25.61 -10.61
CA LYS R 24 -8.33 -26.38 -9.74
C LYS R 24 -9.19 -27.41 -9.01
N LYS R 25 -10.46 -27.06 -8.86
CA LYS R 25 -11.44 -27.92 -8.19
C LYS R 25 -11.35 -29.36 -8.66
N GLY R 26 -11.96 -29.64 -9.80
CA GLY R 26 -11.93 -30.98 -10.35
C GLY R 26 -12.44 -31.02 -11.77
N PHE R 27 -13.44 -30.18 -12.07
CA PHE R 27 -14.00 -30.13 -13.40
C PHE R 27 -13.50 -28.94 -14.23
N GLU R 28 -14.27 -28.53 -15.23
CA GLU R 28 -13.83 -27.44 -16.10
C GLU R 28 -14.97 -26.81 -16.89
N PHE R 29 -14.74 -25.59 -17.36
CA PHE R 29 -15.74 -24.87 -18.15
C PHE R 29 -15.25 -24.58 -19.54
N ARG R 30 -16.21 -24.38 -20.44
CA ARG R 30 -15.94 -24.10 -21.85
C ARG R 30 -16.95 -23.07 -22.32
N GLY R 31 -16.46 -21.99 -22.91
CA GLY R 31 -17.33 -20.95 -23.38
C GLY R 31 -16.58 -19.84 -24.09
N ARG R 32 -17.29 -18.78 -24.47
CA ARG R 32 -16.69 -17.65 -25.16
C ARG R 32 -16.29 -16.56 -24.15
N LEU R 33 -15.03 -16.17 -24.16
CA LEU R 33 -14.56 -15.15 -23.21
C LEU R 33 -15.13 -13.79 -23.55
N ILE R 34 -15.82 -13.20 -22.60
CA ILE R 34 -16.40 -11.90 -22.82
C ILE R 34 -15.91 -10.86 -21.81
N GLY R 35 -15.04 -11.27 -20.88
CA GLY R 35 -14.55 -10.34 -19.89
C GLY R 35 -13.67 -10.96 -18.81
N TYR R 36 -12.83 -10.12 -18.20
CA TYR R 36 -11.93 -10.58 -17.14
C TYR R 36 -11.45 -9.41 -16.28
N ASP R 37 -10.56 -9.71 -15.33
CA ASP R 37 -9.98 -8.69 -14.47
C ASP R 37 -8.63 -9.15 -13.92
N ILE R 38 -7.93 -8.27 -13.21
CA ILE R 38 -6.61 -8.57 -12.67
C ILE R 38 -6.48 -9.88 -11.88
N HIS R 39 -7.57 -10.24 -11.20
CA HIS R 39 -7.63 -11.45 -10.36
C HIS R 39 -7.77 -12.71 -11.21
N LEU R 40 -7.84 -12.51 -12.52
CA LEU R 40 -8.03 -13.59 -13.48
C LEU R 40 -9.47 -14.09 -13.38
N ASN R 41 -10.34 -13.29 -12.77
CA ASN R 41 -11.75 -13.66 -12.73
C ASN R 41 -12.05 -13.63 -14.21
N VAL R 42 -12.99 -14.45 -14.66
CA VAL R 42 -13.33 -14.47 -16.07
C VAL R 42 -14.82 -14.53 -16.23
N VAL R 43 -15.31 -14.06 -17.36
CA VAL R 43 -16.74 -14.11 -17.63
C VAL R 43 -16.94 -14.85 -18.93
N LEU R 44 -17.81 -15.87 -18.90
CA LEU R 44 -18.08 -16.67 -20.09
C LEU R 44 -19.53 -16.56 -20.56
N ALA R 45 -19.72 -16.71 -21.87
CA ALA R 45 -21.04 -16.66 -22.48
C ALA R 45 -21.27 -18.01 -23.13
N ASP R 46 -22.52 -18.50 -23.12
CA ASP R 46 -22.81 -19.81 -23.70
C ASP R 46 -21.81 -20.78 -23.08
N ALA R 47 -21.77 -20.81 -21.76
CA ALA R 47 -20.83 -21.68 -21.08
C ALA R 47 -21.38 -23.07 -20.82
N GLU R 48 -20.49 -24.06 -20.84
CA GLU R 48 -20.83 -25.45 -20.60
C GLU R 48 -19.95 -26.01 -19.50
N MET R 49 -20.54 -26.55 -18.45
CA MET R 49 -19.74 -27.16 -17.40
C MET R 49 -19.42 -28.54 -17.98
N ILE R 50 -18.18 -28.98 -17.85
CA ILE R 50 -17.81 -30.29 -18.38
C ILE R 50 -17.10 -31.15 -17.35
N GLN R 51 -17.54 -32.39 -17.24
CA GLN R 51 -16.95 -33.32 -16.29
C GLN R 51 -16.81 -34.69 -16.95
N ASP R 52 -15.57 -35.17 -16.99
CA ASP R 52 -15.26 -36.45 -17.59
C ASP R 52 -15.74 -36.50 -19.03
N GLY R 53 -15.46 -35.42 -19.76
CA GLY R 53 -15.85 -35.35 -21.15
C GLY R 53 -17.32 -35.06 -21.37
N GLU R 54 -18.08 -34.92 -20.29
CA GLU R 54 -19.50 -34.66 -20.43
C GLU R 54 -20.03 -33.32 -19.96
N VAL R 55 -20.82 -32.68 -20.82
CA VAL R 55 -21.44 -31.43 -20.49
C VAL R 55 -22.53 -31.74 -19.45
N VAL R 56 -22.32 -31.31 -18.21
CA VAL R 56 -23.32 -31.57 -17.17
C VAL R 56 -24.19 -30.35 -16.91
N LYS R 57 -23.82 -29.21 -17.49
CA LYS R 57 -24.62 -28.01 -17.29
C LYS R 57 -24.30 -26.90 -18.30
N ARG R 58 -25.27 -26.02 -18.50
CA ARG R 58 -25.10 -24.93 -19.43
C ARG R 58 -25.49 -23.60 -18.81
N TYR R 59 -24.72 -22.56 -19.14
CA TYR R 59 -25.01 -21.23 -18.59
C TYR R 59 -24.97 -20.16 -19.68
N GLY R 60 -25.98 -19.30 -19.68
CA GLY R 60 -26.04 -18.23 -20.66
C GLY R 60 -24.84 -17.32 -20.50
N LYS R 61 -24.56 -16.96 -19.25
CA LYS R 61 -23.43 -16.10 -18.90
C LYS R 61 -23.03 -16.40 -17.45
N ILE R 62 -21.79 -16.81 -17.24
CA ILE R 62 -21.35 -17.13 -15.90
C ILE R 62 -20.08 -16.33 -15.53
N VAL R 63 -20.00 -15.93 -14.27
CA VAL R 63 -18.86 -15.19 -13.76
C VAL R 63 -18.11 -16.16 -12.87
N ILE R 64 -16.84 -16.42 -13.21
CA ILE R 64 -16.00 -17.34 -12.47
C ILE R 64 -14.91 -16.64 -11.63
N ARG R 65 -14.88 -16.96 -10.33
CA ARG R 65 -13.90 -16.39 -9.38
C ARG R 65 -12.49 -16.89 -9.69
N GLY R 66 -11.62 -15.97 -10.07
CA GLY R 66 -10.24 -16.29 -10.42
C GLY R 66 -9.43 -17.29 -9.61
N ASP R 67 -9.51 -17.23 -8.28
CA ASP R 67 -8.73 -18.13 -7.43
C ASP R 67 -9.14 -19.60 -7.51
N ASN R 68 -10.18 -19.89 -8.29
CA ASN R 68 -10.66 -21.25 -8.48
C ASN R 68 -10.03 -21.81 -9.74
N VAL R 69 -9.38 -20.93 -10.48
CA VAL R 69 -8.79 -21.31 -11.76
C VAL R 69 -7.40 -21.94 -11.70
N LEU R 70 -7.24 -23.02 -12.46
CA LEU R 70 -5.96 -23.70 -12.56
C LEU R 70 -5.30 -23.21 -13.84
N ALA R 71 -6.12 -23.05 -14.88
CA ALA R 71 -5.65 -22.61 -16.17
C ALA R 71 -6.78 -22.18 -17.10
N ILE R 72 -6.41 -21.57 -18.21
CA ILE R 72 -7.35 -21.13 -19.23
C ILE R 72 -6.62 -21.43 -20.54
N SER R 73 -7.35 -21.94 -21.52
CA SER R 73 -6.73 -22.27 -22.79
C SER R 73 -7.58 -21.80 -23.94
N PRO R 74 -6.98 -21.02 -24.86
CA PRO R 74 -7.76 -20.56 -26.01
C PRO R 74 -7.95 -21.72 -26.97
N THR R 75 -9.19 -21.97 -27.37
CA THR R 75 -9.50 -23.07 -28.28
C THR R 75 -8.82 -22.92 -29.65
N GLU S 5 21.58 -16.45 -9.30
CA GLU S 5 20.46 -16.69 -10.27
C GLU S 5 19.16 -16.73 -9.51
N ARG S 6 18.47 -15.59 -9.49
CA ARG S 6 17.22 -15.50 -8.77
C ARG S 6 16.04 -16.10 -9.53
N PRO S 7 15.05 -16.63 -8.80
CA PRO S 7 13.84 -17.26 -9.34
C PRO S 7 13.40 -16.64 -10.65
N LEU S 8 13.24 -15.32 -10.67
CA LEU S 8 12.81 -14.66 -11.89
C LEU S 8 13.91 -14.51 -12.94
N ASP S 9 15.17 -14.64 -12.55
CA ASP S 9 16.22 -14.55 -13.56
C ASP S 9 16.12 -15.83 -14.38
N VAL S 10 16.03 -16.95 -13.67
CA VAL S 10 15.94 -18.26 -14.30
C VAL S 10 14.73 -18.38 -15.21
N ILE S 11 13.58 -17.92 -14.73
CA ILE S 11 12.37 -18.00 -15.53
C ILE S 11 12.48 -17.15 -16.80
N HIS S 12 12.93 -15.91 -16.63
CA HIS S 12 13.08 -15.00 -17.76
C HIS S 12 14.02 -15.57 -18.81
N ARG S 13 15.11 -16.17 -18.38
CA ARG S 13 16.05 -16.74 -19.33
C ARG S 13 15.46 -17.97 -20.05
N SER S 14 14.34 -18.49 -19.55
CA SER S 14 13.74 -19.67 -20.17
C SER S 14 12.78 -19.30 -21.29
N LEU S 15 12.41 -18.02 -21.39
CA LEU S 15 11.51 -17.60 -22.47
C LEU S 15 11.89 -18.27 -23.78
N ASP S 16 10.92 -18.94 -24.40
CA ASP S 16 11.09 -19.64 -25.66
C ASP S 16 11.88 -20.93 -25.60
N LYS S 17 12.04 -21.45 -24.38
CA LYS S 17 12.73 -22.71 -24.15
C LYS S 17 11.71 -23.66 -23.55
N ASP S 18 12.00 -24.95 -23.61
CA ASP S 18 11.10 -25.93 -23.06
C ASP S 18 11.26 -26.04 -21.55
N VAL S 19 10.15 -26.03 -20.83
CA VAL S 19 10.18 -26.13 -19.37
C VAL S 19 9.16 -27.14 -18.86
N LEU S 20 9.30 -27.49 -17.59
CA LEU S 20 8.40 -28.42 -16.93
C LEU S 20 7.70 -27.67 -15.82
N VAL S 21 6.37 -27.71 -15.82
CA VAL S 21 5.63 -27.02 -14.78
C VAL S 21 4.96 -28.02 -13.86
N ILE S 22 5.57 -28.22 -12.70
CA ILE S 22 5.05 -29.15 -11.72
C ILE S 22 4.01 -28.43 -10.89
N LEU S 23 2.78 -28.90 -10.99
CA LEU S 23 1.65 -28.32 -10.25
C LEU S 23 1.54 -28.98 -8.89
N LYS S 24 0.83 -28.31 -7.99
CA LYS S 24 0.62 -28.86 -6.65
C LYS S 24 -0.31 -30.09 -6.72
N LYS S 25 -1.27 -30.04 -7.63
CA LYS S 25 -2.25 -31.11 -7.82
C LYS S 25 -1.69 -32.48 -8.22
N GLY S 26 -0.37 -32.59 -8.28
CA GLY S 26 0.22 -33.86 -8.64
C GLY S 26 0.72 -33.97 -10.06
N PHE S 27 -0.09 -33.55 -11.03
CA PHE S 27 0.34 -33.64 -12.42
C PHE S 27 1.25 -32.48 -12.83
N GLU S 28 1.58 -32.42 -14.11
CA GLU S 28 2.47 -31.38 -14.60
C GLU S 28 2.26 -31.05 -16.07
N PHE S 29 2.85 -29.96 -16.52
CA PHE S 29 2.76 -29.54 -17.92
C PHE S 29 4.15 -29.37 -18.47
N ARG S 30 4.32 -29.74 -19.73
CA ARG S 30 5.61 -29.61 -20.41
C ARG S 30 5.31 -28.77 -21.63
N GLY S 31 6.17 -27.79 -21.88
CA GLY S 31 5.96 -26.93 -23.03
C GLY S 31 7.08 -25.93 -23.17
N ARG S 32 6.88 -25.00 -24.08
CA ARG S 32 7.83 -23.95 -24.36
C ARG S 32 7.33 -22.65 -23.74
N LEU S 33 8.03 -22.19 -22.71
CA LEU S 33 7.65 -20.97 -22.02
C LEU S 33 7.63 -19.79 -22.99
N ILE S 34 6.48 -19.18 -23.18
CA ILE S 34 6.38 -18.05 -24.08
C ILE S 34 5.95 -16.78 -23.35
N GLY S 35 5.94 -16.84 -22.02
CA GLY S 35 5.54 -15.69 -21.24
C GLY S 35 5.34 -15.94 -19.76
N TYR S 36 5.08 -14.86 -19.02
CA TYR S 36 4.85 -14.94 -17.58
C TYR S 36 4.64 -13.54 -16.96
N ASP S 37 4.39 -13.54 -15.65
CA ASP S 37 4.22 -12.31 -14.91
C ASP S 37 4.80 -12.51 -13.52
N ILE S 38 4.63 -11.52 -12.66
CA ILE S 38 5.20 -11.59 -11.33
C ILE S 38 4.53 -12.59 -10.38
N HIS S 39 3.26 -12.92 -10.65
CA HIS S 39 2.51 -13.86 -9.82
C HIS S 39 2.96 -15.29 -10.05
N LEU S 40 3.82 -15.45 -11.05
CA LEU S 40 4.35 -16.74 -11.41
C LEU S 40 3.38 -17.43 -12.36
N ASN S 41 2.40 -16.67 -12.86
CA ASN S 41 1.46 -17.20 -13.84
C ASN S 41 2.37 -17.36 -15.05
N VAL S 42 2.25 -18.44 -15.80
CA VAL S 42 3.11 -18.62 -16.95
C VAL S 42 2.30 -19.05 -18.16
N VAL S 43 2.84 -18.80 -19.35
CA VAL S 43 2.19 -19.21 -20.59
C VAL S 43 3.08 -20.20 -21.32
N LEU S 44 2.48 -21.24 -21.89
CA LEU S 44 3.23 -22.26 -22.62
C LEU S 44 2.60 -22.52 -23.98
N ALA S 45 3.45 -22.76 -24.98
CA ALA S 45 2.98 -23.05 -26.32
C ALA S 45 3.29 -24.52 -26.56
N ASP S 46 2.40 -25.22 -27.28
CA ASP S 46 2.60 -26.63 -27.55
C ASP S 46 2.79 -27.42 -26.25
N ALA S 47 1.84 -27.25 -25.34
CA ALA S 47 1.90 -27.90 -24.04
C ALA S 47 1.25 -29.28 -23.96
N GLU S 48 1.67 -30.04 -22.95
CA GLU S 48 1.17 -31.38 -22.73
C GLU S 48 0.92 -31.65 -21.25
N MET S 49 -0.32 -32.00 -20.90
CA MET S 49 -0.64 -32.31 -19.50
C MET S 49 -0.09 -33.71 -19.27
N ILE S 50 0.65 -33.87 -18.20
CA ILE S 50 1.26 -35.15 -17.88
C ILE S 50 0.79 -35.70 -16.55
N GLN S 51 0.60 -37.01 -16.51
CA GLN S 51 0.15 -37.69 -15.31
C GLN S 51 0.70 -39.11 -15.32
N ASP S 52 1.27 -39.53 -14.20
CA ASP S 52 1.83 -40.87 -14.08
C ASP S 52 2.92 -41.08 -15.13
N GLY S 53 3.29 -40.01 -15.83
CA GLY S 53 4.32 -40.12 -16.85
C GLY S 53 3.85 -40.15 -18.29
N GLU S 54 2.56 -39.94 -18.53
CA GLU S 54 2.04 -39.96 -19.89
C GLU S 54 1.25 -38.71 -20.29
N VAL S 55 1.36 -38.36 -21.56
CA VAL S 55 0.64 -37.21 -22.11
C VAL S 55 -0.83 -37.58 -22.17
N VAL S 56 -1.63 -36.89 -21.37
CA VAL S 56 -3.06 -37.15 -21.34
C VAL S 56 -3.83 -36.02 -22.00
N LYS S 57 -3.11 -35.05 -22.57
CA LYS S 57 -3.76 -33.92 -23.23
C LYS S 57 -2.76 -32.94 -23.82
N ARG S 58 -3.19 -32.22 -24.85
CA ARG S 58 -2.33 -31.23 -25.49
C ARG S 58 -3.06 -29.90 -25.64
N TYR S 59 -2.30 -28.81 -25.60
CA TYR S 59 -2.89 -27.48 -25.74
C TYR S 59 -2.00 -26.65 -26.62
N GLY S 60 -2.60 -25.86 -27.49
CA GLY S 60 -1.79 -24.99 -28.35
C GLY S 60 -1.12 -23.96 -27.47
N LYS S 61 -1.93 -23.21 -26.74
CA LYS S 61 -1.43 -22.18 -25.84
C LYS S 61 -2.23 -22.18 -24.54
N ILE S 62 -1.55 -22.38 -23.42
CA ILE S 62 -2.22 -22.41 -22.12
C ILE S 62 -1.60 -21.48 -21.08
N VAL S 63 -2.45 -20.77 -20.35
CA VAL S 63 -2.03 -19.88 -19.27
C VAL S 63 -2.35 -20.62 -17.96
N ILE S 64 -1.32 -20.83 -17.14
CA ILE S 64 -1.47 -21.53 -15.86
C ILE S 64 -1.39 -20.54 -14.70
N ARG S 65 -2.42 -20.52 -13.86
CA ARG S 65 -2.41 -19.60 -12.73
C ARG S 65 -1.31 -19.97 -11.74
N GLY S 66 -0.30 -19.10 -11.66
CA GLY S 66 0.84 -19.32 -10.79
C GLY S 66 0.60 -19.87 -9.41
N ASP S 67 -0.60 -19.65 -8.88
CA ASP S 67 -0.96 -20.12 -7.55
C ASP S 67 -1.09 -21.65 -7.47
N ASN S 68 -1.05 -22.30 -8.63
CA ASN S 68 -1.17 -23.75 -8.71
C ASN S 68 0.19 -24.41 -8.92
N VAL S 69 1.24 -23.59 -9.01
CA VAL S 69 2.56 -24.12 -9.29
C VAL S 69 3.36 -24.57 -8.09
N LEU S 70 4.05 -25.68 -8.26
CA LEU S 70 4.88 -26.21 -7.21
C LEU S 70 6.29 -25.77 -7.57
N ALA S 71 6.67 -26.10 -8.80
CA ALA S 71 7.99 -25.76 -9.28
C ALA S 71 8.01 -25.70 -10.80
N ILE S 72 8.98 -24.98 -11.34
CA ILE S 72 9.16 -24.85 -12.78
C ILE S 72 10.61 -25.26 -13.07
N SER S 73 10.82 -26.05 -14.12
CA SER S 73 12.15 -26.51 -14.45
C SER S 73 12.50 -26.34 -15.92
N PRO S 74 13.60 -25.64 -16.22
CA PRO S 74 14.08 -25.39 -17.58
C PRO S 74 14.54 -26.68 -18.22
N THR S 75 14.37 -26.78 -19.54
CA THR S 75 14.77 -27.96 -20.30
C THR S 75 13.86 -29.15 -19.97
N GLU T 5 20.66 -13.87 13.21
CA GLU T 5 20.44 -14.90 12.15
C GLU T 5 18.98 -15.02 11.76
N ARG T 6 18.43 -13.99 11.15
CA ARG T 6 17.04 -13.99 10.72
C ARG T 6 16.90 -15.06 9.63
N PRO T 7 15.67 -15.47 9.31
CA PRO T 7 15.43 -16.47 8.28
C PRO T 7 16.18 -16.22 6.97
N LEU T 8 16.10 -15.01 6.44
CA LEU T 8 16.80 -14.69 5.19
C LEU T 8 18.30 -14.55 5.33
N ASP T 9 18.80 -14.35 6.55
CA ASP T 9 20.23 -14.26 6.74
C ASP T 9 20.82 -15.63 6.47
N VAL T 10 20.18 -16.65 7.03
CA VAL T 10 20.64 -18.03 6.86
C VAL T 10 20.57 -18.47 5.40
N ILE T 11 19.48 -18.08 4.73
CA ILE T 11 19.26 -18.45 3.35
C ILE T 11 20.23 -17.76 2.42
N HIS T 12 20.58 -16.53 2.79
CA HIS T 12 21.52 -15.76 1.99
C HIS T 12 22.94 -16.36 2.09
N ARG T 13 23.26 -16.84 3.28
CA ARG T 13 24.56 -17.47 3.52
C ARG T 13 24.66 -18.87 2.92
N SER T 14 23.52 -19.43 2.53
CA SER T 14 23.51 -20.77 1.95
C SER T 14 23.67 -20.71 0.43
N LEU T 15 23.76 -19.49 -0.12
CA LEU T 15 23.94 -19.37 -1.55
C LEU T 15 25.19 -20.15 -1.97
N ASP T 16 25.06 -20.95 -3.03
CA ASP T 16 26.14 -21.78 -3.57
C ASP T 16 26.47 -22.96 -2.66
N LYS T 17 25.58 -23.26 -1.72
CA LYS T 17 25.77 -24.38 -0.79
C LYS T 17 24.62 -25.38 -0.92
N ASP T 18 24.73 -26.51 -0.24
CA ASP T 18 23.70 -27.56 -0.30
C ASP T 18 22.61 -27.40 0.75
N VAL T 19 21.37 -27.41 0.31
CA VAL T 19 20.25 -27.25 1.21
C VAL T 19 19.18 -28.31 1.03
N LEU T 20 18.29 -28.40 2.01
CA LEU T 20 17.20 -29.35 1.99
C LEU T 20 15.89 -28.58 2.00
N VAL T 21 15.09 -28.74 0.95
CA VAL T 21 13.82 -28.05 0.88
C VAL T 21 12.68 -29.04 1.18
N ILE T 22 12.11 -28.91 2.37
CA ILE T 22 11.01 -29.74 2.80
C ILE T 22 9.67 -29.15 2.39
N LEU T 23 9.01 -29.79 1.43
CA LEU T 23 7.72 -29.29 0.96
C LEU T 23 6.54 -29.72 1.84
N LYS T 24 5.50 -28.88 1.87
CA LYS T 24 4.30 -29.15 2.64
C LYS T 24 3.66 -30.49 2.26
N LYS T 25 3.63 -30.78 0.95
CA LYS T 25 3.04 -32.01 0.43
C LYS T 25 3.50 -33.26 1.15
N GLY T 26 4.82 -33.44 1.23
CA GLY T 26 5.34 -34.61 1.91
C GLY T 26 6.73 -34.97 1.46
N PHE T 27 7.10 -34.51 0.27
CA PHE T 27 8.43 -34.81 -0.24
C PHE T 27 9.35 -33.61 -0.14
N GLU T 28 10.58 -33.77 -0.59
CA GLU T 28 11.56 -32.69 -0.52
C GLU T 28 12.53 -32.70 -1.68
N PHE T 29 13.25 -31.60 -1.83
CA PHE T 29 14.25 -31.50 -2.87
C PHE T 29 15.56 -31.30 -2.18
N ARG T 30 16.63 -31.72 -2.82
CA ARG T 30 17.96 -31.60 -2.25
C ARG T 30 18.87 -31.05 -3.34
N GLY T 31 19.58 -29.96 -3.03
CA GLY T 31 20.47 -29.39 -4.02
C GLY T 31 21.27 -28.18 -3.58
N ARG T 32 21.89 -27.53 -4.56
CA ARG T 32 22.70 -26.34 -4.32
C ARG T 32 21.83 -25.10 -4.53
N LEU T 33 21.69 -24.31 -3.47
CA LEU T 33 20.91 -23.08 -3.53
C LEU T 33 21.69 -22.06 -4.36
N ILE T 34 21.13 -21.66 -5.48
CA ILE T 34 21.80 -20.70 -6.34
C ILE T 34 21.08 -19.35 -6.45
N GLY T 35 19.96 -19.21 -5.74
CA GLY T 35 19.20 -17.98 -5.78
C GLY T 35 17.91 -18.07 -4.98
N TYR T 36 17.23 -16.94 -4.81
CA TYR T 36 15.97 -16.87 -4.07
C TYR T 36 15.41 -15.47 -4.18
N ASP T 37 14.35 -15.21 -3.42
CA ASP T 37 13.73 -13.89 -3.38
C ASP T 37 13.02 -13.71 -2.04
N ILE T 38 12.18 -12.69 -1.94
CA ILE T 38 11.52 -12.42 -0.66
C ILE T 38 10.30 -13.29 -0.34
N HIS T 39 9.72 -13.91 -1.36
CA HIS T 39 8.56 -14.79 -1.16
C HIS T 39 9.03 -16.16 -0.66
N LEU T 40 10.35 -16.33 -0.64
CA LEU T 40 10.99 -17.57 -0.23
C LEU T 40 11.09 -18.58 -1.36
N ASN T 41 10.82 -18.12 -2.59
CA ASN T 41 10.96 -18.97 -3.75
C ASN T 41 12.44 -19.30 -3.70
N VAL T 42 12.84 -20.44 -4.24
CA VAL T 42 14.26 -20.78 -4.23
C VAL T 42 14.63 -21.47 -5.51
N VAL T 43 15.89 -21.34 -5.89
CA VAL T 43 16.41 -21.96 -7.09
C VAL T 43 17.51 -22.90 -6.65
N LEU T 44 17.42 -24.15 -7.10
CA LEU T 44 18.42 -25.15 -6.75
C LEU T 44 19.02 -25.69 -8.02
N ALA T 45 20.27 -26.10 -7.92
CA ALA T 45 21.00 -26.66 -9.03
C ALA T 45 21.28 -28.11 -8.67
N ASP T 46 21.44 -28.96 -9.69
CA ASP T 46 21.75 -30.36 -9.45
C ASP T 46 20.89 -30.84 -8.30
N ALA T 47 19.58 -30.68 -8.48
CA ALA T 47 18.64 -31.06 -7.45
C ALA T 47 18.03 -32.45 -7.70
N GLU T 48 17.75 -33.13 -6.60
CA GLU T 48 17.14 -34.44 -6.67
C GLU T 48 15.91 -34.46 -5.80
N MET T 49 14.76 -34.78 -6.40
CA MET T 49 13.49 -34.88 -5.67
C MET T 49 13.51 -36.16 -4.83
N ILE T 50 13.18 -36.03 -3.55
CA ILE T 50 13.18 -37.16 -2.64
C ILE T 50 11.80 -37.55 -2.08
N GLN T 51 11.47 -38.82 -2.20
CA GLN T 51 10.21 -39.35 -1.69
C GLN T 51 10.50 -40.52 -0.76
N ASP T 52 10.11 -40.38 0.49
CA ASP T 52 10.33 -41.41 1.51
C ASP T 52 11.75 -41.95 1.45
N GLY T 53 12.71 -41.05 1.25
CA GLY T 53 14.10 -41.45 1.21
C GLY T 53 14.62 -41.91 -0.13
N GLU T 54 13.83 -41.74 -1.17
CA GLU T 54 14.26 -42.17 -2.48
C GLU T 54 14.33 -41.03 -3.48
N VAL T 55 15.41 -41.02 -4.21
CA VAL T 55 15.53 -40.04 -5.28
C VAL T 55 14.54 -40.50 -6.34
N VAL T 56 13.46 -39.74 -6.57
CA VAL T 56 12.50 -40.12 -7.59
C VAL T 56 12.77 -39.37 -8.88
N LYS T 57 13.52 -38.27 -8.81
CA LYS T 57 13.83 -37.50 -10.00
C LYS T 57 14.98 -36.53 -9.81
N ARG T 58 15.53 -36.05 -10.93
CA ARG T 58 16.65 -35.12 -10.92
C ARG T 58 16.43 -33.90 -11.83
N TYR T 59 16.87 -32.73 -11.36
CA TYR T 59 16.75 -31.51 -12.14
C TYR T 59 18.04 -30.70 -12.07
N GLY T 60 18.64 -30.46 -13.24
CA GLY T 60 19.86 -29.67 -13.29
C GLY T 60 19.61 -28.31 -12.67
N LYS T 61 18.37 -27.85 -12.81
CA LYS T 61 17.97 -26.55 -12.26
C LYS T 61 16.46 -26.49 -12.06
N ILE T 62 16.03 -25.95 -10.92
CA ILE T 62 14.61 -25.86 -10.63
C ILE T 62 14.23 -24.69 -9.73
N VAL T 63 13.13 -24.02 -10.10
CA VAL T 63 12.60 -22.90 -9.33
C VAL T 63 11.36 -23.44 -8.55
N ILE T 64 11.45 -23.43 -7.23
CA ILE T 64 10.36 -23.89 -6.35
C ILE T 64 9.59 -22.69 -5.81
N ARG T 65 8.27 -22.74 -5.85
CA ARG T 65 7.46 -21.62 -5.34
C ARG T 65 7.43 -21.71 -3.81
N GLY T 66 8.07 -20.75 -3.15
CA GLY T 66 8.13 -20.72 -1.69
C GLY T 66 6.83 -20.99 -0.98
N ASP T 67 5.74 -20.83 -1.70
CA ASP T 67 4.38 -21.05 -1.22
C ASP T 67 4.21 -22.52 -0.83
N ASN T 68 5.06 -23.35 -1.41
CA ASN T 68 5.02 -24.79 -1.21
C ASN T 68 6.04 -25.27 -0.20
N VAL T 69 6.90 -24.37 0.27
CA VAL T 69 7.94 -24.71 1.22
C VAL T 69 7.47 -24.72 2.67
N LEU T 70 7.99 -25.68 3.43
CA LEU T 70 7.66 -25.82 4.84
C LEU T 70 8.93 -25.42 5.63
N ALA T 71 10.08 -25.81 5.09
CA ALA T 71 11.32 -25.51 5.75
C ALA T 71 12.52 -25.72 4.83
N ILE T 72 13.60 -25.02 5.13
CA ILE T 72 14.84 -25.13 4.37
C ILE T 72 15.95 -25.31 5.38
N SER T 73 16.82 -26.29 5.12
CA SER T 73 17.91 -26.57 6.03
C SER T 73 19.26 -26.60 5.31
N PRO T 74 20.25 -25.89 5.85
CA PRO T 74 21.58 -25.86 5.24
C PRO T 74 22.23 -27.16 5.69
N THR T 75 22.78 -27.93 4.75
CA THR T 75 23.39 -29.20 5.11
C THR T 75 24.91 -29.16 5.06
N GLU U 5 4.34 -9.17 26.48
CA GLU U 5 3.06 -9.90 26.48
C GLU U 5 2.53 -10.12 25.07
N ARG U 6 2.94 -9.29 24.12
CA ARG U 6 2.50 -9.43 22.74
C ARG U 6 3.17 -10.60 22.06
N PRO U 7 2.53 -11.15 21.02
CA PRO U 7 3.08 -12.29 20.29
C PRO U 7 4.56 -12.13 19.95
N LEU U 8 4.94 -10.99 19.37
CA LEU U 8 6.33 -10.80 19.02
C LEU U 8 7.24 -10.53 20.22
N ASP U 9 6.68 -10.00 21.31
CA ASP U 9 7.52 -9.75 22.48
C ASP U 9 8.04 -11.08 22.98
N VAL U 10 7.13 -12.04 23.14
CA VAL U 10 7.49 -13.36 23.62
C VAL U 10 8.50 -14.01 22.70
N ILE U 11 8.26 -13.94 21.40
CA ILE U 11 9.15 -14.55 20.42
C ILE U 11 10.55 -13.97 20.49
N HIS U 12 10.59 -12.63 20.58
CA HIS U 12 11.82 -11.90 20.64
C HIS U 12 12.55 -12.10 21.96
N ARG U 13 11.80 -12.33 23.01
CA ARG U 13 12.45 -12.54 24.26
C ARG U 13 12.78 -14.02 24.45
N SER U 14 12.58 -14.78 23.37
CA SER U 14 12.85 -16.24 23.35
C SER U 14 14.11 -16.57 22.55
N LEU U 15 14.70 -15.56 21.92
CA LEU U 15 15.91 -15.78 21.15
C LEU U 15 16.99 -16.43 22.01
N ASP U 16 17.61 -17.47 21.47
CA ASP U 16 18.69 -18.20 22.15
C ASP U 16 18.16 -19.11 23.24
N LYS U 17 16.85 -19.27 23.27
CA LYS U 17 16.20 -20.13 24.24
C LYS U 17 15.56 -21.28 23.47
N ASP U 18 15.26 -22.37 24.16
CA ASP U 18 14.61 -23.50 23.50
C ASP U 18 13.12 -23.28 23.37
N VAL U 19 12.59 -23.53 22.18
CA VAL U 19 11.16 -23.36 21.94
C VAL U 19 10.55 -24.62 21.32
N LEU U 20 9.23 -24.72 21.41
CA LEU U 20 8.48 -25.82 20.84
C LEU U 20 7.66 -25.25 19.68
N VAL U 21 7.91 -25.75 18.47
CA VAL U 21 7.17 -25.25 17.31
C VAL U 21 6.11 -26.24 16.83
N ILE U 22 4.85 -25.88 17.03
CA ILE U 22 3.75 -26.73 16.61
C ILE U 22 3.27 -26.35 15.21
N LEU U 23 3.46 -27.25 14.25
CA LEU U 23 3.02 -26.98 12.89
C LEU U 23 1.55 -27.33 12.72
N LYS U 24 0.93 -26.80 11.67
CA LYS U 24 -0.48 -27.10 11.45
C LYS U 24 -0.66 -28.51 10.89
N LYS U 25 0.31 -28.96 10.09
CA LYS U 25 0.26 -30.29 9.47
C LYS U 25 0.00 -31.41 10.46
N GLY U 26 0.63 -31.35 11.61
CA GLY U 26 0.40 -32.40 12.59
C GLY U 26 1.56 -32.65 13.53
N PHE U 27 2.78 -32.33 13.10
CA PHE U 27 3.93 -32.55 13.96
C PHE U 27 4.50 -31.31 14.62
N GLU U 28 5.72 -31.42 15.12
CA GLU U 28 6.34 -30.31 15.81
C GLU U 28 7.85 -30.41 15.86
N PHE U 29 8.52 -29.26 15.89
CA PHE U 29 9.97 -29.22 15.98
C PHE U 29 10.40 -28.60 17.30
N ARG U 30 11.49 -29.09 17.86
CA ARG U 30 11.98 -28.54 19.11
C ARG U 30 13.43 -28.12 18.85
N GLY U 31 13.85 -27.01 19.43
CA GLY U 31 15.20 -26.51 19.21
C GLY U 31 15.39 -25.10 19.76
N ARG U 32 16.60 -24.56 19.58
CA ARG U 32 16.90 -23.24 20.08
C ARG U 32 16.56 -22.18 19.03
N LEU U 33 15.77 -21.20 19.44
CA LEU U 33 15.35 -20.12 18.55
C LEU U 33 16.48 -19.12 18.29
N ILE U 34 17.05 -19.14 17.09
CA ILE U 34 18.13 -18.21 16.77
C ILE U 34 17.74 -17.15 15.73
N GLY U 35 16.44 -16.87 15.59
CA GLY U 35 16.04 -15.88 14.61
C GLY U 35 14.58 -15.97 14.16
N TYR U 36 14.08 -14.88 13.57
CA TYR U 36 12.69 -14.83 13.10
C TYR U 36 12.43 -13.52 12.34
N ASP U 37 11.19 -13.36 11.87
CA ASP U 37 10.75 -12.16 11.15
C ASP U 37 9.25 -11.93 11.36
N ILE U 38 8.72 -10.82 10.84
CA ILE U 38 7.31 -10.48 11.01
C ILE U 38 6.27 -11.42 10.39
N HIS U 39 6.72 -12.34 9.53
CA HIS U 39 5.82 -13.31 8.88
C HIS U 39 5.72 -14.51 9.81
N LEU U 40 6.51 -14.44 10.88
CA LEU U 40 6.60 -15.49 11.86
C LEU U 40 7.39 -16.68 11.34
N ASN U 41 8.30 -16.44 10.39
CA ASN U 41 9.17 -17.52 9.92
C ASN U 41 10.08 -17.57 11.13
N VAL U 42 10.72 -18.71 11.37
CA VAL U 42 11.62 -18.79 12.51
C VAL U 42 12.83 -19.62 12.15
N VAL U 43 13.89 -19.47 12.93
CA VAL U 43 15.11 -20.23 12.69
C VAL U 43 15.49 -20.92 13.99
N LEU U 44 15.70 -22.22 13.91
CA LEU U 44 16.07 -23.00 15.07
C LEU U 44 17.41 -23.65 14.79
N ALA U 45 18.17 -23.87 15.86
CA ALA U 45 19.47 -24.53 15.75
C ALA U 45 19.33 -25.79 16.60
N ASP U 46 20.09 -26.83 16.29
CA ASP U 46 20.01 -28.07 17.06
C ASP U 46 18.53 -28.41 17.18
N ALA U 47 17.89 -28.61 16.04
CA ALA U 47 16.46 -28.90 16.00
C ALA U 47 16.13 -30.38 15.88
N GLU U 48 14.98 -30.74 16.43
CA GLU U 48 14.50 -32.12 16.39
C GLU U 48 13.05 -32.19 15.94
N MET U 49 12.80 -32.89 14.83
CA MET U 49 11.44 -33.07 14.33
C MET U 49 10.83 -34.14 15.19
N ILE U 50 9.65 -33.87 15.74
CA ILE U 50 9.03 -34.85 16.62
C ILE U 50 7.67 -35.38 16.18
N GLN U 51 7.57 -36.70 16.15
CA GLN U 51 6.35 -37.40 15.76
C GLN U 51 5.93 -38.30 16.91
N ASP U 52 4.89 -37.89 17.64
CA ASP U 52 4.40 -38.66 18.77
C ASP U 52 5.51 -38.99 19.76
N GLY U 53 6.04 -37.95 20.42
CA GLY U 53 7.09 -38.13 21.40
C GLY U 53 8.36 -38.83 20.96
N GLU U 54 8.61 -38.85 19.65
CA GLU U 54 9.81 -39.51 19.13
C GLU U 54 10.62 -38.62 18.18
N VAL U 55 11.92 -38.54 18.42
CA VAL U 55 12.79 -37.74 17.57
C VAL U 55 12.92 -38.47 16.24
N VAL U 56 12.21 -38.00 15.22
CA VAL U 56 12.29 -38.68 13.93
C VAL U 56 13.38 -38.09 13.04
N LYS U 57 13.78 -36.86 13.32
CA LYS U 57 14.81 -36.22 12.51
C LYS U 57 15.55 -35.11 13.25
N ARG U 58 16.76 -34.81 12.80
CA ARG U 58 17.56 -33.78 13.43
C ARG U 58 18.18 -32.83 12.42
N TYR U 59 18.10 -31.54 12.72
CA TYR U 59 18.68 -30.52 11.85
C TYR U 59 19.47 -29.55 12.71
N GLY U 60 20.73 -29.31 12.33
CA GLY U 60 21.60 -28.38 13.05
C GLY U 60 21.06 -26.99 12.90
N LYS U 61 20.51 -26.70 11.73
CA LYS U 61 19.90 -25.41 11.48
C LYS U 61 18.77 -25.59 10.47
N ILE U 62 17.62 -25.02 10.78
CA ILE U 62 16.45 -25.17 9.94
C ILE U 62 15.65 -23.86 9.94
N VAL U 63 15.13 -23.49 8.77
CA VAL U 63 14.31 -22.29 8.63
C VAL U 63 12.91 -22.78 8.27
N ILE U 64 11.91 -22.38 9.06
CA ILE U 64 10.52 -22.77 8.85
C ILE U 64 9.64 -21.58 8.44
N ARG U 65 8.90 -21.71 7.34
CA ARG U 65 8.00 -20.63 6.89
C ARG U 65 6.87 -20.49 7.89
N GLY U 66 6.77 -19.33 8.52
CA GLY U 66 5.73 -19.10 9.51
C GLY U 66 4.35 -19.55 9.11
N ASP U 67 4.07 -19.55 7.81
CA ASP U 67 2.76 -19.94 7.31
C ASP U 67 2.40 -21.37 7.70
N ASN U 68 3.40 -22.21 7.96
CA ASN U 68 3.18 -23.59 8.36
C ASN U 68 3.01 -23.70 9.88
N VAL U 69 3.24 -22.59 10.58
CA VAL U 69 3.19 -22.54 12.03
C VAL U 69 1.81 -22.47 12.68
N LEU U 70 1.59 -23.31 13.70
CA LEU U 70 0.33 -23.29 14.42
C LEU U 70 0.52 -22.50 15.71
N ALA U 71 1.62 -22.76 16.40
CA ALA U 71 1.93 -22.09 17.64
C ALA U 71 3.38 -22.35 18.05
N ILE U 72 3.92 -21.45 18.86
CA ILE U 72 5.29 -21.59 19.33
C ILE U 72 5.24 -21.43 20.87
N SER U 73 6.01 -22.25 21.59
CA SER U 73 6.01 -22.21 23.04
C SER U 73 7.44 -22.30 23.60
N PRO U 74 7.79 -21.35 24.49
CA PRO U 74 9.10 -21.25 25.16
C PRO U 74 9.43 -22.38 26.11
N THR U 75 10.72 -22.57 26.37
CA THR U 75 11.27 -23.61 27.24
C THR U 75 10.66 -24.98 27.01
#